data_5TNP
#
_entry.id   5TNP
#
_cell.length_a   168.015
_cell.length_b   84.013
_cell.length_c   89.459
_cell.angle_alpha   90.00
_cell.angle_beta   100.31
_cell.angle_gamma   90.00
#
_symmetry.space_group_name_H-M   'C 1 2 1'
#
loop_
_entity.id
_entity.type
_entity.pdbx_description
1 polymer 'CFTR inhibitory factor'
2 non-polymer (1R)-1-phenylethane-1,2-diol
3 water water
#
_entity_poly.entity_id   1
_entity_poly.type   'polypeptide(L)'
_entity_poly.pdbx_seq_one_letter_code
;AEEFPVPNGFESAYREVDGVKLHYVKGGQGPLVMLVHGFGQTWYEWHQLMPELAKRFTVIAPDLPGLGQSEPPKTGYSGE
QVAVYLHKLARQFSPDRPFDLVAHDIGIWNTYPMVVKNQADIARLVYMQAPIPDARIYRFPAFTAQGESLVWHFSFFAAD
DRLAETLIAGKERFFLEHFIKSHASNTEVFSERLLDLYARSYAKPHSLNASFEYYRALNESVRQNAELAKTRLQMPTMTL
AGGGHGGMGTFQLEQMKAYAEDVEGHVLPGCGHWLPEECAAPMNRLVIDFLSRGRHHHHHH
;
_entity_poly.pdbx_strand_id   A,B,C,D
#
loop_
_chem_comp.id
_chem_comp.type
_chem_comp.name
_chem_comp.formula
FEH non-polymer (1R)-1-phenylethane-1,2-diol 'C8 H10 O2'
#
# COMPACT_ATOMS: atom_id res chain seq x y z
N ALA A 1 26.83 16.32 -11.83
CA ALA A 1 25.71 16.10 -10.94
C ALA A 1 25.14 14.69 -11.07
N GLU A 2 24.94 14.02 -9.94
CA GLU A 2 24.40 12.68 -9.90
C GLU A 2 22.99 12.72 -9.33
N GLU A 3 22.05 12.08 -10.01
CA GLU A 3 20.69 12.00 -9.49
C GLU A 3 20.61 11.05 -8.30
N PHE A 4 21.49 10.05 -8.22
CA PHE A 4 21.47 9.03 -7.18
C PHE A 4 22.87 8.79 -6.66
N PRO A 5 23.02 8.40 -5.38
CA PRO A 5 24.37 8.19 -4.82
C PRO A 5 25.02 6.94 -5.41
N VAL A 6 26.26 7.09 -5.85
CA VAL A 6 27.01 6.00 -6.45
C VAL A 6 27.57 5.14 -5.32
N PRO A 7 27.49 3.81 -5.42
CA PRO A 7 28.08 2.97 -4.36
C PRO A 7 29.58 3.16 -4.31
N ASN A 8 30.14 3.04 -3.10
CA ASN A 8 31.58 3.13 -2.91
C ASN A 8 32.30 2.16 -3.83
N GLY A 9 33.34 2.64 -4.49
CA GLY A 9 34.07 1.81 -5.42
C GLY A 9 33.52 1.76 -6.83
N PHE A 10 32.43 2.47 -7.12
CA PHE A 10 31.87 2.55 -8.46
C PHE A 10 32.11 3.94 -9.01
N GLU A 11 32.01 4.06 -10.34
CA GLU A 11 32.15 5.33 -11.03
C GLU A 11 30.90 5.59 -11.86
N SER A 12 30.50 6.85 -11.91
CA SER A 12 29.44 7.30 -12.78
C SER A 12 30.09 7.92 -14.01
N ALA A 13 29.66 7.49 -15.20
CA ALA A 13 30.31 7.94 -16.43
C ALA A 13 29.30 7.93 -17.55
N TYR A 14 29.72 8.41 -18.72
CA TYR A 14 28.88 8.46 -19.91
C TYR A 14 29.62 7.88 -21.09
N ARG A 15 28.88 7.31 -22.04
CA ARG A 15 29.49 6.89 -23.28
C ARG A 15 28.57 7.17 -24.44
N GLU A 16 29.13 7.80 -25.47
CA GLU A 16 28.39 8.08 -26.70
C GLU A 16 28.27 6.79 -27.52
N VAL A 17 27.04 6.43 -27.86
CA VAL A 17 26.75 5.21 -28.62
C VAL A 17 25.80 5.61 -29.74
N ASP A 18 26.29 5.56 -30.98
CA ASP A 18 25.50 5.95 -32.17
C ASP A 18 24.85 7.31 -31.98
N GLY A 19 25.64 8.27 -31.51
CA GLY A 19 25.18 9.63 -31.33
C GLY A 19 24.38 9.89 -30.07
N VAL A 20 24.20 8.89 -29.19
CA VAL A 20 23.38 9.04 -27.99
C VAL A 20 24.27 8.86 -26.76
N LYS A 21 24.29 9.86 -25.89
CA LYS A 21 25.11 9.81 -24.69
C LYS A 21 24.35 9.03 -23.62
N LEU A 22 24.82 7.83 -23.30
CA LEU A 22 24.23 6.99 -22.28
C LEU A 22 24.99 7.17 -20.97
N HIS A 23 24.24 7.25 -19.88
CA HIS A 23 24.83 7.27 -18.55
C HIS A 23 24.89 5.85 -17.99
N TYR A 24 25.93 5.57 -17.22
CA TYR A 24 26.01 4.26 -16.59
C TYR A 24 26.85 4.37 -15.33
N VAL A 25 26.71 3.37 -14.47
CA VAL A 25 27.52 3.22 -13.27
C VAL A 25 28.26 1.91 -13.42
N LYS A 26 29.56 1.92 -13.12
CA LYS A 26 30.42 0.78 -13.38
C LYS A 26 31.34 0.53 -12.19
N GLY A 27 31.53 -0.74 -11.87
CA GLY A 27 32.50 -1.10 -10.84
C GLY A 27 32.82 -2.57 -10.93
N GLY A 28 33.81 -2.98 -10.14
CA GLY A 28 34.16 -4.38 -10.08
C GLY A 28 35.22 -4.74 -11.08
N GLN A 29 35.51 -6.05 -11.12
CA GLN A 29 36.55 -6.60 -11.98
C GLN A 29 36.14 -8.01 -12.38
N GLY A 30 36.54 -8.43 -13.57
CA GLY A 30 36.19 -9.74 -14.07
C GLY A 30 35.21 -9.69 -15.22
N PRO A 31 34.58 -10.82 -15.52
CA PRO A 31 33.61 -10.85 -16.64
C PRO A 31 32.49 -9.85 -16.43
N LEU A 32 31.91 -9.40 -17.54
CA LEU A 32 30.95 -8.30 -17.53
C LEU A 32 29.54 -8.80 -17.27
N VAL A 33 28.82 -8.11 -16.38
CA VAL A 33 27.38 -8.27 -16.19
C VAL A 33 26.76 -6.90 -16.38
N MET A 34 25.75 -6.82 -17.25
CA MET A 34 25.01 -5.59 -17.46
C MET A 34 23.64 -5.76 -16.83
N LEU A 35 23.24 -4.78 -16.02
CA LEU A 35 21.94 -4.76 -15.31
C LEU A 35 21.11 -3.62 -15.90
N VAL A 36 19.88 -3.94 -16.33
CA VAL A 36 19.06 -2.97 -17.06
C VAL A 36 17.73 -2.78 -16.32
N HIS A 37 17.50 -1.55 -15.85
CA HIS A 37 16.35 -1.17 -15.05
C HIS A 37 15.10 -1.06 -15.91
N GLY A 38 13.95 -0.81 -15.25
CA GLY A 38 12.70 -0.62 -15.97
C GLY A 38 11.98 0.68 -15.68
N PHE A 39 10.67 0.69 -15.90
CA PHE A 39 9.89 1.93 -15.82
C PHE A 39 9.82 2.46 -14.39
N GLY A 40 9.86 3.79 -14.27
CA GLY A 40 9.75 4.44 -12.98
C GLY A 40 11.05 4.53 -12.23
N GLN A 41 12.11 3.91 -12.72
CA GLN A 41 13.36 3.80 -11.98
C GLN A 41 14.53 4.12 -12.90
N THR A 42 15.73 3.88 -12.37
CA THR A 42 16.98 4.15 -13.05
C THR A 42 17.96 3.04 -12.67
N TRP A 43 19.23 3.23 -13.04
CA TRP A 43 20.26 2.28 -12.61
C TRP A 43 20.22 2.03 -11.10
N TYR A 44 19.75 3.02 -10.33
CA TYR A 44 19.81 2.96 -8.88
C TYR A 44 19.01 1.79 -8.30
N GLU A 45 18.05 1.24 -9.03
CA GLU A 45 17.33 0.10 -8.47
C GLU A 45 18.26 -1.07 -8.20
N TRP A 46 19.42 -1.10 -8.83
CA TRP A 46 20.40 -2.16 -8.67
C TRP A 46 21.44 -1.88 -7.60
N HIS A 47 21.32 -0.76 -6.86
CA HIS A 47 22.49 -0.31 -6.10
C HIS A 47 22.82 -1.22 -4.91
N GLN A 48 21.88 -2.04 -4.45
CA GLN A 48 22.18 -3.00 -3.39
C GLN A 48 22.78 -4.29 -3.93
N LEU A 49 22.44 -4.65 -5.16
CA LEU A 49 23.00 -5.84 -5.80
C LEU A 49 24.40 -5.59 -6.34
N MET A 50 24.68 -4.38 -6.82
CA MET A 50 25.95 -4.10 -7.50
C MET A 50 27.19 -4.37 -6.66
N PRO A 51 27.29 -3.92 -5.40
CA PRO A 51 28.52 -4.20 -4.63
C PRO A 51 28.79 -5.68 -4.45
N GLU A 52 27.74 -6.49 -4.30
CA GLU A 52 27.94 -7.93 -4.17
C GLU A 52 28.44 -8.55 -5.47
N LEU A 53 27.78 -8.26 -6.58
CA LEU A 53 28.23 -8.77 -7.87
C LEU A 53 29.62 -8.28 -8.21
N ALA A 54 29.95 -7.04 -7.83
CA ALA A 54 31.26 -6.51 -8.17
C ALA A 54 32.41 -7.27 -7.50
N LYS A 55 32.12 -8.12 -6.51
CA LYS A 55 33.19 -8.95 -5.94
C LYS A 55 33.70 -9.99 -6.92
N ARG A 56 32.90 -10.35 -7.94
CA ARG A 56 33.28 -11.37 -8.91
C ARG A 56 33.19 -10.93 -10.36
N PHE A 57 32.55 -9.80 -10.66
CA PHE A 57 32.26 -9.40 -12.03
C PHE A 57 32.59 -7.94 -12.20
N THR A 58 32.84 -7.54 -13.44
CA THR A 58 32.67 -6.15 -13.82
C THR A 58 31.18 -5.90 -14.01
N VAL A 59 30.64 -4.91 -13.31
CA VAL A 59 29.20 -4.65 -13.32
C VAL A 59 28.95 -3.29 -13.97
N ILE A 60 28.02 -3.24 -14.92
CA ILE A 60 27.61 -1.97 -15.55
CA ILE A 60 27.62 -1.97 -15.52
C ILE A 60 26.09 -1.86 -15.48
N ALA A 61 25.61 -0.70 -15.06
CA ALA A 61 24.18 -0.45 -14.95
C ALA A 61 23.89 0.86 -15.68
N PRO A 62 23.38 0.80 -16.90
CA PRO A 62 23.10 2.03 -17.64
C PRO A 62 21.69 2.54 -17.33
N ASP A 63 21.51 3.83 -17.57
CA ASP A 63 20.16 4.37 -17.66
C ASP A 63 19.61 4.16 -19.08
N LEU A 64 18.39 3.64 -19.18
CA LEU A 64 17.74 3.50 -20.47
C LEU A 64 17.68 4.84 -21.21
N PRO A 65 17.76 4.83 -22.54
CA PRO A 65 17.71 6.08 -23.31
C PRO A 65 16.50 6.93 -22.94
N GLY A 66 16.76 8.21 -22.64
CA GLY A 66 15.75 9.14 -22.23
C GLY A 66 15.48 9.18 -20.73
N LEU A 67 15.85 8.13 -20.01
CA LEU A 67 15.59 7.99 -18.57
C LEU A 67 16.88 8.20 -17.78
N GLY A 68 16.72 8.46 -16.48
CA GLY A 68 17.87 8.79 -15.66
C GLY A 68 18.66 9.92 -16.30
N GLN A 69 19.97 9.72 -16.45
CA GLN A 69 20.84 10.73 -17.05
C GLN A 69 21.24 10.38 -18.48
N SER A 70 20.54 9.44 -19.14
CA SER A 70 20.82 9.10 -20.53
C SER A 70 19.98 9.94 -21.50
N GLU A 71 20.59 10.34 -22.61
CA GLU A 71 19.89 11.06 -23.67
C GLU A 71 18.83 10.18 -24.33
N PRO A 72 17.77 10.78 -24.88
CA PRO A 72 16.77 10.00 -25.63
C PRO A 72 17.39 9.35 -26.85
N PRO A 73 16.81 8.27 -27.33
CA PRO A 73 17.33 7.61 -28.54
C PRO A 73 17.07 8.48 -29.75
N LYS A 74 17.94 8.34 -30.75
CA LYS A 74 17.78 9.08 -32.00
C LYS A 74 17.03 8.29 -33.06
N THR A 75 17.01 6.96 -32.95
CA THR A 75 16.25 6.14 -33.89
C THR A 75 14.79 6.01 -33.45
N GLY A 76 14.55 5.39 -32.30
CA GLY A 76 13.20 5.22 -31.82
C GLY A 76 13.20 4.38 -30.56
N TYR A 77 12.00 4.10 -30.06
CA TYR A 77 11.82 3.48 -28.75
C TYR A 77 11.38 2.02 -28.80
N SER A 78 11.25 1.43 -29.98
CA SER A 78 10.86 0.03 -30.03
C SER A 78 11.99 -0.81 -29.48
N GLY A 79 11.66 -2.04 -29.07
CA GLY A 79 12.67 -2.90 -28.48
C GLY A 79 13.89 -3.08 -29.36
N GLU A 80 13.68 -3.29 -30.66
CA GLU A 80 14.81 -3.60 -31.53
C GLU A 80 15.72 -2.39 -31.69
N GLN A 81 15.15 -1.18 -31.70
CA GLN A 81 15.96 0.03 -31.84
C GLN A 81 16.79 0.29 -30.58
N VAL A 82 16.16 0.22 -29.42
CA VAL A 82 16.86 0.50 -28.16
C VAL A 82 17.90 -0.56 -27.87
N ALA A 83 17.62 -1.81 -28.21
CA ALA A 83 18.57 -2.89 -27.92
C ALA A 83 19.90 -2.67 -28.62
N VAL A 84 19.90 -1.98 -29.76
CA VAL A 84 21.18 -1.69 -30.43
C VAL A 84 22.09 -0.88 -29.52
N TYR A 85 21.54 0.15 -28.87
CA TYR A 85 22.34 0.99 -28.00
C TYR A 85 22.94 0.17 -26.85
N LEU A 86 22.12 -0.67 -26.21
CA LEU A 86 22.57 -1.45 -25.07
C LEU A 86 23.59 -2.51 -25.46
N HIS A 87 23.38 -3.18 -26.61
CA HIS A 87 24.35 -4.17 -27.08
C HIS A 87 25.69 -3.51 -27.36
N LYS A 88 25.68 -2.41 -28.11
CA LYS A 88 26.94 -1.75 -28.45
C LYS A 88 27.64 -1.23 -27.20
N LEU A 89 26.88 -0.71 -26.23
CA LEU A 89 27.47 -0.26 -24.98
C LEU A 89 28.17 -1.42 -24.26
N ALA A 90 27.46 -2.54 -24.11
CA ALA A 90 28.06 -3.70 -23.46
C ALA A 90 29.32 -4.15 -24.19
N ARG A 91 29.28 -4.15 -25.53
CA ARG A 91 30.43 -4.66 -26.27
C ARG A 91 31.60 -3.70 -26.25
N GLN A 92 31.39 -2.42 -25.92
CA GLN A 92 32.53 -1.53 -25.67
C GLN A 92 33.37 -2.02 -24.50
N PHE A 93 32.72 -2.59 -23.47
CA PHE A 93 33.41 -3.05 -22.28
C PHE A 93 33.74 -4.54 -22.30
N SER A 94 33.16 -5.30 -23.23
CA SER A 94 33.42 -6.73 -23.35
C SER A 94 33.47 -7.08 -24.84
N PRO A 95 34.52 -6.61 -25.54
CA PRO A 95 34.55 -6.77 -27.00
C PRO A 95 34.88 -8.18 -27.46
N ASP A 96 35.53 -9.00 -26.64
CA ASP A 96 36.02 -10.30 -27.06
C ASP A 96 35.51 -11.45 -26.19
N ARG A 97 34.54 -11.19 -25.31
CA ARG A 97 33.98 -12.22 -24.45
C ARG A 97 32.49 -11.98 -24.31
N PRO A 98 31.70 -13.06 -24.19
CA PRO A 98 30.29 -12.89 -23.88
C PRO A 98 30.11 -12.27 -22.49
N PHE A 99 28.98 -11.59 -22.31
CA PHE A 99 28.63 -10.97 -21.04
C PHE A 99 27.31 -11.52 -20.53
N ASP A 100 27.05 -11.28 -19.24
CA ASP A 100 25.78 -11.65 -18.62
C ASP A 100 24.83 -10.46 -18.63
N LEU A 101 23.53 -10.77 -18.58
CA LEU A 101 22.51 -9.75 -18.66
C LEU A 101 21.41 -10.01 -17.62
N VAL A 102 21.06 -8.98 -16.87
CA VAL A 102 19.95 -9.00 -15.92
C VAL A 102 19.03 -7.85 -16.27
N ALA A 103 17.74 -8.11 -16.40
CA ALA A 103 16.84 -7.04 -16.82
C ALA A 103 15.52 -7.14 -16.08
N HIS A 104 14.92 -5.97 -15.83
CA HIS A 104 13.70 -5.84 -15.05
C HIS A 104 12.69 -5.02 -15.83
N ASP A 105 11.44 -5.49 -15.89
CA ASP A 105 10.34 -4.69 -16.45
CA ASP A 105 10.35 -4.67 -16.44
C ASP A 105 10.69 -4.32 -17.90
N ILE A 106 10.60 -3.06 -18.32
CA ILE A 106 10.82 -2.75 -19.73
C ILE A 106 12.28 -2.89 -20.14
N GLY A 107 13.18 -3.12 -19.19
CA GLY A 107 14.51 -3.58 -19.56
C GLY A 107 14.49 -4.87 -20.35
N ILE A 108 13.48 -5.70 -20.12
CA ILE A 108 13.32 -6.91 -20.92
C ILE A 108 13.00 -6.54 -22.38
N TRP A 109 11.99 -5.69 -22.56
CA TRP A 109 11.60 -5.22 -23.88
C TRP A 109 12.81 -4.69 -24.64
N ASN A 110 13.67 -3.96 -23.96
CA ASN A 110 14.76 -3.26 -24.62
C ASN A 110 16.02 -4.10 -24.76
N THR A 111 15.99 -5.36 -24.31
CA THR A 111 17.16 -6.22 -24.45
C THR A 111 16.88 -7.50 -25.19
N TYR A 112 15.64 -7.99 -25.16
CA TYR A 112 15.36 -9.27 -25.83
C TYR A 112 15.83 -9.29 -27.28
N PRO A 113 15.61 -8.27 -28.11
CA PRO A 113 16.09 -8.39 -29.50
C PRO A 113 17.60 -8.49 -29.64
N MET A 114 18.39 -7.79 -28.81
CA MET A 114 19.82 -7.94 -29.00
C MET A 114 20.31 -9.28 -28.46
N VAL A 115 19.55 -9.90 -27.55
CA VAL A 115 19.89 -11.23 -27.08
C VAL A 115 19.65 -12.27 -28.17
N VAL A 116 18.48 -12.22 -28.79
CA VAL A 116 18.14 -13.25 -29.77
C VAL A 116 18.92 -13.06 -31.06
N LYS A 117 19.35 -11.84 -31.36
CA LYS A 117 20.13 -11.59 -32.57
C LYS A 117 21.64 -11.78 -32.39
N ASN A 118 22.12 -11.88 -31.17
CA ASN A 118 23.55 -11.99 -30.87
C ASN A 118 23.76 -13.00 -29.76
N GLN A 119 23.25 -14.23 -29.95
CA GLN A 119 23.21 -15.20 -28.86
C GLN A 119 24.60 -15.55 -28.35
N ALA A 120 25.62 -15.51 -29.22
CA ALA A 120 26.97 -15.84 -28.78
C ALA A 120 27.57 -14.78 -27.85
N ASP A 121 26.99 -13.58 -27.81
CA ASP A 121 27.48 -12.50 -26.96
C ASP A 121 26.92 -12.54 -25.54
N ILE A 122 25.94 -13.41 -25.28
CA ILE A 122 25.23 -13.47 -24.00
C ILE A 122 25.59 -14.79 -23.33
N ALA A 123 26.27 -14.72 -22.18
CA ALA A 123 26.64 -15.95 -21.48
C ALA A 123 25.46 -16.52 -20.70
N ARG A 124 24.84 -15.71 -19.85
CA ARG A 124 23.70 -16.13 -19.03
C ARG A 124 22.76 -14.94 -18.91
N LEU A 125 21.48 -15.24 -18.69
CA LEU A 125 20.42 -14.25 -18.80
C LEU A 125 19.46 -14.37 -17.62
N VAL A 126 19.10 -13.24 -17.02
CA VAL A 126 18.11 -13.18 -15.94
C VAL A 126 17.08 -12.12 -16.30
N TYR A 127 15.81 -12.53 -16.38
CA TYR A 127 14.71 -11.61 -16.66
C TYR A 127 13.72 -11.64 -15.50
N MET A 128 13.24 -10.47 -15.09
CA MET A 128 12.26 -10.45 -14.00
C MET A 128 11.17 -9.42 -14.24
N GLN A 129 9.93 -9.85 -13.99
CA GLN A 129 8.77 -8.96 -13.80
C GLN A 129 8.46 -8.12 -15.04
N ALA A 130 8.21 -8.81 -16.16
CA ALA A 130 7.48 -8.22 -17.27
C ALA A 130 7.38 -9.24 -18.39
N PRO A 131 6.32 -9.18 -19.18
CA PRO A 131 6.25 -10.06 -20.36
C PRO A 131 7.21 -9.59 -21.44
N ILE A 132 7.80 -10.55 -22.14
CA ILE A 132 8.38 -10.21 -23.44
C ILE A 132 7.26 -9.73 -24.34
N PRO A 133 7.43 -8.65 -25.10
CA PRO A 133 6.30 -8.16 -25.91
C PRO A 133 5.92 -9.18 -26.97
N ASP A 134 4.71 -9.72 -26.87
CA ASP A 134 4.15 -10.63 -27.87
C ASP A 134 2.63 -10.63 -27.70
N ALA A 135 1.93 -11.48 -28.46
CA ALA A 135 0.47 -11.44 -28.45
C ALA A 135 -0.15 -11.78 -27.08
N ARG A 136 0.62 -12.35 -26.16
CA ARG A 136 0.07 -12.65 -24.84
C ARG A 136 -0.36 -11.39 -24.11
N ILE A 137 0.29 -10.25 -24.40
CA ILE A 137 -0.04 -9.04 -23.67
C ILE A 137 -1.45 -8.56 -23.99
N TYR A 138 -2.04 -8.99 -25.10
CA TYR A 138 -3.40 -8.61 -25.42
C TYR A 138 -4.44 -9.42 -24.66
N ARG A 139 -4.00 -10.33 -23.81
CA ARG A 139 -4.91 -11.20 -23.07
C ARG A 139 -5.05 -10.82 -21.60
N PHE A 140 -4.26 -9.87 -21.11
CA PHE A 140 -4.39 -9.41 -19.74
C PHE A 140 -5.68 -8.60 -19.60
N PRO A 141 -6.37 -8.70 -18.47
CA PRO A 141 -7.65 -8.02 -18.33
C PRO A 141 -7.50 -6.54 -17.99
N ALA A 142 -8.50 -5.77 -18.41
CA ALA A 142 -8.56 -4.36 -18.08
C ALA A 142 -8.97 -4.13 -16.62
N PHE A 143 -9.67 -5.08 -16.02
CA PHE A 143 -10.30 -4.88 -14.71
C PHE A 143 -10.48 -6.26 -14.08
N THR A 144 -10.25 -6.35 -12.78
CA THR A 144 -10.30 -7.63 -12.09
C THR A 144 -11.28 -7.58 -10.92
N ALA A 145 -11.69 -8.78 -10.47
N ALA A 145 -11.66 -8.77 -10.44
CA ALA A 145 -12.60 -8.89 -9.34
CA ALA A 145 -12.57 -8.89 -9.32
C ALA A 145 -12.01 -8.30 -8.07
C ALA A 145 -11.89 -8.57 -7.99
N GLN A 146 -10.70 -8.07 -8.03
N GLN A 146 -10.66 -9.04 -7.81
CA GLN A 146 -10.06 -7.38 -6.92
CA GLN A 146 -9.90 -8.81 -6.58
C GLN A 146 -9.95 -5.88 -7.15
C GLN A 146 -8.53 -8.24 -6.93
N GLY A 147 -10.09 -5.43 -8.40
N GLY A 147 -8.06 -7.30 -6.11
CA GLY A 147 -9.99 -4.03 -8.74
CA GLY A 147 -6.84 -6.58 -6.44
C GLY A 147 -9.01 -3.73 -9.86
C GLY A 147 -7.10 -5.58 -7.55
N GLU A 148 -8.11 -2.77 -9.63
N GLU A 148 -6.03 -5.26 -8.28
CA GLU A 148 -7.04 -2.43 -10.56
CA GLU A 148 -6.09 -4.29 -9.36
C GLU A 148 -6.38 -3.68 -11.13
C GLU A 148 -5.49 -4.90 -10.63
N SER A 149 -6.18 -3.69 -12.45
N SER A 149 -6.03 -4.47 -11.77
CA SER A 149 -5.46 -4.79 -13.07
CA SER A 149 -5.47 -4.87 -13.06
C SER A 149 -3.96 -4.48 -13.11
C SER A 149 -3.99 -4.50 -13.12
N LEU A 150 -3.16 -5.50 -13.46
CA LEU A 150 -1.71 -5.29 -13.50
C LEU A 150 -1.28 -4.33 -14.60
N VAL A 151 -1.91 -4.38 -15.76
CA VAL A 151 -1.27 -3.68 -16.89
C VAL A 151 -2.24 -2.76 -17.61
N TRP A 152 -3.24 -2.24 -16.90
CA TRP A 152 -4.06 -1.21 -17.52
C TRP A 152 -3.23 0.01 -17.88
N HIS A 153 -2.11 0.23 -17.20
CA HIS A 153 -1.23 1.35 -17.53
C HIS A 153 -0.66 1.23 -18.94
N PHE A 154 -0.64 0.03 -19.55
CA PHE A 154 -0.23 -0.07 -20.95
C PHE A 154 -1.06 0.86 -21.83
N SER A 155 -2.40 0.82 -21.67
CA SER A 155 -3.26 1.65 -22.51
C SER A 155 -3.10 3.12 -22.15
N PHE A 156 -3.00 3.41 -20.85
CA PHE A 156 -2.88 4.79 -20.39
C PHE A 156 -1.64 5.44 -20.97
N PHE A 157 -0.50 4.76 -20.86
CA PHE A 157 0.77 5.30 -21.32
C PHE A 157 0.84 5.33 -22.85
N ALA A 158 0.17 4.39 -23.53
CA ALA A 158 0.20 4.37 -24.97
C ALA A 158 -0.81 5.32 -25.62
N ALA A 159 -1.75 5.88 -24.86
CA ALA A 159 -2.83 6.67 -25.45
C ALA A 159 -2.26 7.88 -26.20
N ASP A 160 -2.98 8.30 -27.25
CA ASP A 160 -2.57 9.40 -28.10
CA ASP A 160 -2.46 9.40 -28.05
C ASP A 160 -2.81 10.74 -27.40
N ASP A 161 -2.47 11.83 -28.09
CA ASP A 161 -2.66 13.19 -27.59
C ASP A 161 -1.81 13.49 -26.35
N ARG A 162 -0.72 12.74 -26.15
CA ARG A 162 0.11 12.86 -24.93
C ARG A 162 -0.75 12.87 -23.68
N LEU A 163 -1.75 11.99 -23.64
CA LEU A 163 -2.66 11.95 -22.51
C LEU A 163 -1.92 11.79 -21.19
N ALA A 164 -1.00 10.82 -21.11
CA ALA A 164 -0.35 10.53 -19.84
C ALA A 164 0.56 11.67 -19.39
N GLU A 165 1.38 12.25 -20.30
CA GLU A 165 2.23 13.36 -19.90
CA GLU A 165 2.23 13.35 -19.89
C GLU A 165 1.41 14.58 -19.51
N THR A 166 0.32 14.81 -20.21
CA THR A 166 -0.50 15.98 -19.91
C THR A 166 -1.12 15.87 -18.53
N LEU A 167 -1.58 14.66 -18.15
CA LEU A 167 -2.20 14.51 -16.83
C LEU A 167 -1.16 14.43 -15.72
N ILE A 168 0.00 13.83 -15.98
CA ILE A 168 0.95 13.58 -14.89
C ILE A 168 1.92 14.75 -14.68
N ALA A 169 2.14 15.59 -15.68
CA ALA A 169 3.03 16.75 -15.51
C ALA A 169 2.58 17.58 -14.31
N GLY A 170 3.54 17.97 -13.47
CA GLY A 170 3.24 18.68 -12.24
C GLY A 170 2.78 17.79 -11.10
N LYS A 171 2.46 16.53 -11.35
CA LYS A 171 2.00 15.60 -10.33
C LYS A 171 2.84 14.32 -10.32
N GLU A 172 4.11 14.42 -10.72
CA GLU A 172 4.91 13.24 -10.95
C GLU A 172 5.20 12.49 -9.65
N ARG A 173 5.44 13.24 -8.57
CA ARG A 173 5.75 12.60 -7.30
C ARG A 173 4.53 11.88 -6.75
N PHE A 174 3.36 12.48 -6.89
CA PHE A 174 2.11 11.79 -6.53
C PHE A 174 1.92 10.54 -7.37
N PHE A 175 2.01 10.66 -8.68
CA PHE A 175 1.68 9.52 -9.52
C PHE A 175 2.67 8.38 -9.31
N LEU A 176 3.96 8.68 -9.20
CA LEU A 176 4.92 7.59 -9.09
C LEU A 176 4.75 6.83 -7.77
N GLU A 177 4.48 7.53 -6.66
CA GLU A 177 4.20 6.82 -5.42
C GLU A 177 3.00 5.89 -5.58
N HIS A 178 1.93 6.36 -6.22
CA HIS A 178 0.77 5.48 -6.38
C HIS A 178 1.11 4.29 -7.26
N PHE A 179 1.77 4.54 -8.39
CA PHE A 179 2.12 3.46 -9.31
C PHE A 179 2.99 2.42 -8.63
N ILE A 180 4.05 2.87 -7.96
CA ILE A 180 4.96 1.92 -7.31
C ILE A 180 4.22 1.14 -6.23
N LYS A 181 3.51 1.83 -5.34
CA LYS A 181 2.91 1.12 -4.21
C LYS A 181 1.76 0.20 -4.65
N SER A 182 1.00 0.62 -5.66
CA SER A 182 -0.09 -0.25 -6.14
C SER A 182 0.43 -1.51 -6.81
N HIS A 183 1.70 -1.57 -7.18
CA HIS A 183 2.32 -2.76 -7.75
C HIS A 183 3.26 -3.45 -6.76
N ALA A 184 3.18 -3.11 -5.48
CA ALA A 184 4.07 -3.68 -4.47
C ALA A 184 3.29 -4.55 -3.49
N SER A 185 3.99 -5.52 -2.93
CA SER A 185 3.53 -6.28 -1.78
C SER A 185 4.12 -5.72 -0.49
N ASN A 186 5.45 -5.52 -0.46
CA ASN A 186 6.18 -5.00 0.69
CA ASN A 186 6.16 -4.99 0.70
C ASN A 186 6.31 -3.48 0.50
N THR A 187 5.22 -2.75 0.77
CA THR A 187 5.22 -1.33 0.39
C THR A 187 6.11 -0.47 1.27
N GLU A 188 6.50 -0.92 2.46
CA GLU A 188 7.13 0.06 3.32
C GLU A 188 8.60 0.29 2.98
N VAL A 189 9.17 -0.46 2.03
CA VAL A 189 10.53 -0.17 1.58
C VAL A 189 10.55 1.11 0.76
N PHE A 190 9.40 1.59 0.32
CA PHE A 190 9.37 2.82 -0.48
C PHE A 190 9.13 4.00 0.45
N SER A 191 10.21 4.40 1.12
CA SER A 191 10.20 5.57 1.98
C SER A 191 9.97 6.82 1.14
N GLU A 192 9.51 7.88 1.81
CA GLU A 192 9.35 9.15 1.10
C GLU A 192 10.67 9.62 0.52
N ARG A 193 11.79 9.38 1.23
CA ARG A 193 13.10 9.77 0.72
C ARG A 193 13.43 9.07 -0.60
N LEU A 194 13.19 7.77 -0.69
CA LEU A 194 13.47 7.05 -1.94
C LEU A 194 12.53 7.50 -3.05
N LEU A 195 11.23 7.64 -2.76
CA LEU A 195 10.29 8.09 -3.77
C LEU A 195 10.66 9.47 -4.29
N ASP A 196 11.15 10.34 -3.41
CA ASP A 196 11.59 11.67 -3.84
C ASP A 196 12.69 11.55 -4.89
N LEU A 197 13.65 10.65 -4.66
CA LEU A 197 14.77 10.49 -5.58
C LEU A 197 14.30 10.01 -6.95
N TYR A 198 13.47 8.97 -6.98
CA TYR A 198 12.97 8.49 -8.27
C TYR A 198 12.11 9.52 -8.96
N ALA A 199 11.24 10.21 -8.21
CA ALA A 199 10.33 11.15 -8.85
C ALA A 199 11.09 12.31 -9.48
N ARG A 200 12.13 12.80 -8.81
CA ARG A 200 12.85 13.94 -9.36
C ARG A 200 13.48 13.60 -10.70
N SER A 201 13.93 12.35 -10.87
CA SER A 201 14.55 11.93 -12.12
C SER A 201 13.52 11.81 -13.23
N TYR A 202 12.40 11.15 -12.90
N TYR A 202 12.41 11.12 -12.99
CA TYR A 202 11.30 10.86 -13.81
CA TYR A 202 11.53 10.97 -14.14
C TYR A 202 10.61 12.13 -14.28
C TYR A 202 10.64 12.19 -14.37
N ALA A 203 10.69 13.20 -13.49
CA ALA A 203 9.96 14.43 -13.76
C ALA A 203 10.66 15.35 -14.75
N LYS A 204 11.94 15.14 -15.07
CA LYS A 204 12.54 15.85 -16.19
C LYS A 204 11.64 15.67 -17.41
N PRO A 205 11.25 16.75 -18.09
CA PRO A 205 10.23 16.63 -19.15
C PRO A 205 10.58 15.62 -20.23
N HIS A 206 11.83 15.57 -20.69
CA HIS A 206 12.18 14.57 -21.69
C HIS A 206 12.18 13.17 -21.11
N SER A 207 12.37 13.01 -19.80
CA SER A 207 12.31 11.67 -19.20
C SER A 207 10.86 11.23 -19.02
N LEU A 208 10.00 12.15 -18.63
CA LEU A 208 8.58 11.80 -18.53
C LEU A 208 8.06 11.36 -19.89
N ASN A 209 8.40 12.09 -20.94
CA ASN A 209 7.95 11.70 -22.28
C ASN A 209 8.60 10.41 -22.75
N ALA A 210 9.91 10.27 -22.53
CA ALA A 210 10.60 9.03 -22.90
C ALA A 210 9.94 7.81 -22.24
N SER A 211 9.60 7.93 -20.95
CA SER A 211 8.95 6.83 -20.23
C SER A 211 7.77 6.29 -21.03
N PHE A 212 6.91 7.18 -21.52
CA PHE A 212 5.70 6.72 -22.21
C PHE A 212 5.95 6.34 -23.67
N GLU A 213 7.01 6.87 -24.29
CA GLU A 213 7.32 6.47 -25.66
C GLU A 213 7.63 4.98 -25.73
N TYR A 214 8.18 4.39 -24.67
CA TYR A 214 8.43 2.94 -24.67
C TYR A 214 7.13 2.16 -24.82
N TYR A 215 6.06 2.65 -24.19
CA TYR A 215 4.75 2.00 -24.31
C TYR A 215 4.08 2.33 -25.63
N ARG A 216 4.33 3.53 -26.16
CA ARG A 216 3.81 3.88 -27.47
C ARG A 216 4.44 3.07 -28.59
N ALA A 217 5.62 2.49 -28.34
CA ALA A 217 6.27 1.60 -29.30
C ALA A 217 6.00 0.12 -29.02
N LEU A 218 5.15 -0.19 -28.03
CA LEU A 218 4.97 -1.57 -27.60
C LEU A 218 4.40 -2.44 -28.71
N ASN A 219 3.40 -1.94 -29.44
CA ASN A 219 2.84 -2.77 -30.52
C ASN A 219 3.83 -2.98 -31.65
N GLU A 220 4.70 -2.02 -31.92
CA GLU A 220 5.78 -2.26 -32.87
C GLU A 220 6.73 -3.35 -32.35
N SER A 221 7.07 -3.29 -31.07
CA SER A 221 7.96 -4.30 -30.49
C SER A 221 7.35 -5.69 -30.58
N VAL A 222 6.03 -5.79 -30.37
CA VAL A 222 5.36 -7.08 -30.54
C VAL A 222 5.52 -7.58 -31.97
N ARG A 223 5.33 -6.69 -32.96
CA ARG A 223 5.46 -7.13 -34.35
C ARG A 223 6.90 -7.53 -34.67
N GLN A 224 7.88 -6.81 -34.12
CA GLN A 224 9.29 -7.20 -34.29
C GLN A 224 9.55 -8.58 -33.71
N ASN A 225 9.06 -8.82 -32.49
CA ASN A 225 9.37 -10.06 -31.80
C ASN A 225 8.71 -11.26 -32.45
N ALA A 226 7.58 -11.03 -33.13
CA ALA A 226 6.91 -12.13 -33.82
C ALA A 226 7.84 -12.77 -34.85
N GLU A 227 8.68 -11.96 -35.50
CA GLU A 227 9.70 -12.48 -36.41
C GLU A 227 10.92 -13.02 -35.68
N LEU A 228 11.40 -12.29 -34.65
CA LEU A 228 12.62 -12.71 -33.96
C LEU A 228 12.43 -14.01 -33.20
N ALA A 229 11.24 -14.23 -32.63
CA ALA A 229 11.00 -15.39 -31.78
C ALA A 229 11.03 -16.71 -32.55
N LYS A 230 11.20 -16.69 -33.86
CA LYS A 230 11.33 -17.93 -34.62
C LYS A 230 12.62 -18.69 -34.30
N THR A 231 13.53 -18.09 -33.54
CA THR A 231 14.70 -18.76 -33.00
C THR A 231 14.65 -18.70 -31.48
N ARG A 232 14.74 -19.86 -30.83
CA ARG A 232 14.74 -19.89 -29.37
C ARG A 232 16.08 -19.47 -28.79
N LEU A 233 16.05 -18.98 -27.55
CA LEU A 233 17.28 -18.70 -26.83
C LEU A 233 17.93 -20.00 -26.36
N GLN A 234 19.26 -20.08 -26.50
CA GLN A 234 19.99 -21.31 -26.21
C GLN A 234 20.84 -21.24 -24.95
N MET A 235 21.06 -20.05 -24.39
CA MET A 235 21.92 -19.87 -23.23
C MET A 235 21.13 -20.09 -21.94
N PRO A 236 21.80 -20.37 -20.82
CA PRO A 236 21.07 -20.53 -19.55
C PRO A 236 20.36 -19.25 -19.17
N THR A 237 19.08 -19.38 -18.81
CA THR A 237 18.27 -18.24 -18.41
C THR A 237 17.56 -18.55 -17.09
N MET A 238 17.29 -17.49 -16.33
CA MET A 238 16.51 -17.58 -15.10
C MET A 238 15.47 -16.48 -15.11
N THR A 239 14.24 -16.81 -14.72
CA THR A 239 13.22 -15.79 -14.54
C THR A 239 12.90 -15.66 -13.07
N LEU A 240 12.60 -14.44 -12.65
CA LEU A 240 12.11 -14.16 -11.31
C LEU A 240 10.82 -13.39 -11.41
N ALA A 241 9.88 -13.70 -10.52
CA ALA A 241 8.62 -13.01 -10.48
C ALA A 241 8.17 -12.92 -9.03
N GLY A 242 7.47 -11.85 -8.69
CA GLY A 242 6.84 -11.76 -7.40
C GLY A 242 5.58 -12.61 -7.34
N GLY A 243 5.32 -13.17 -6.15
CA GLY A 243 4.12 -13.95 -5.90
C GLY A 243 3.06 -13.17 -5.15
N GLY A 244 3.41 -11.96 -4.72
CA GLY A 244 2.51 -11.12 -3.96
C GLY A 244 1.76 -10.14 -4.85
N HIS A 245 1.12 -9.18 -4.18
CA HIS A 245 0.39 -8.13 -4.90
C HIS A 245 1.32 -7.41 -5.87
N GLY A 246 0.93 -7.32 -7.15
CA GLY A 246 1.77 -6.69 -8.15
C GLY A 246 2.71 -7.63 -8.89
N GLY A 247 2.82 -8.88 -8.48
CA GLY A 247 3.75 -9.81 -9.11
C GLY A 247 3.15 -10.52 -10.30
N MET A 248 4.02 -10.93 -11.23
CA MET A 248 3.60 -11.68 -12.42
C MET A 248 3.28 -13.14 -12.12
N GLY A 249 3.71 -13.66 -10.98
CA GLY A 249 3.34 -15.03 -10.64
C GLY A 249 3.93 -16.02 -11.63
N THR A 250 3.18 -17.08 -11.92
CA THR A 250 3.68 -18.13 -12.81
C THR A 250 3.78 -17.69 -14.27
N PHE A 251 3.19 -16.56 -14.66
CA PHE A 251 3.23 -16.14 -16.06
C PHE A 251 4.66 -15.97 -16.56
N GLN A 252 5.55 -15.43 -15.72
CA GLN A 252 6.91 -15.10 -16.16
C GLN A 252 7.61 -16.34 -16.71
N LEU A 253 7.65 -17.41 -15.92
CA LEU A 253 8.29 -18.65 -16.37
C LEU A 253 7.52 -19.31 -17.51
N GLU A 254 6.18 -19.33 -17.46
CA GLU A 254 5.46 -20.04 -18.51
C GLU A 254 5.66 -19.40 -19.87
N GLN A 255 5.76 -18.05 -19.93
CA GLN A 255 6.05 -17.42 -21.22
C GLN A 255 7.48 -17.69 -21.65
N MET A 256 8.43 -17.60 -20.71
CA MET A 256 9.83 -17.80 -21.06
C MET A 256 10.09 -19.19 -21.62
N LYS A 257 9.30 -20.18 -21.20
CA LYS A 257 9.50 -21.53 -21.74
C LYS A 257 9.23 -21.60 -23.25
N ALA A 258 8.44 -20.67 -23.78
CA ALA A 258 8.25 -20.61 -25.23
C ALA A 258 9.42 -19.94 -25.94
N TYR A 259 10.29 -19.23 -25.21
CA TYR A 259 11.39 -18.50 -25.80
C TYR A 259 12.76 -19.12 -25.56
N ALA A 260 12.92 -19.95 -24.52
CA ALA A 260 14.24 -20.41 -24.13
C ALA A 260 14.25 -21.92 -23.97
N GLU A 261 15.35 -22.55 -24.37
CA GLU A 261 15.50 -23.99 -24.20
C GLU A 261 15.90 -24.38 -22.79
N ASP A 262 16.59 -23.48 -22.07
CA ASP A 262 17.20 -23.81 -20.78
C ASP A 262 16.81 -22.71 -19.80
N VAL A 263 15.78 -22.95 -18.99
CA VAL A 263 15.25 -21.90 -18.13
C VAL A 263 14.79 -22.50 -16.81
N GLU A 264 15.15 -21.83 -15.72
CA GLU A 264 14.61 -22.12 -14.41
C GLU A 264 13.91 -20.85 -13.90
N GLY A 265 12.79 -21.01 -13.22
CA GLY A 265 12.01 -19.88 -12.75
C GLY A 265 11.81 -19.94 -11.25
N HIS A 266 11.64 -18.77 -10.64
CA HIS A 266 11.29 -18.67 -9.24
C HIS A 266 10.18 -17.65 -9.06
N VAL A 267 9.24 -17.96 -8.17
CA VAL A 267 8.22 -17.02 -7.74
C VAL A 267 8.49 -16.70 -6.27
N LEU A 268 8.69 -15.42 -5.97
CA LEU A 268 9.10 -15.05 -4.62
C LEU A 268 7.87 -14.65 -3.81
N PRO A 269 7.50 -15.40 -2.77
CA PRO A 269 6.28 -15.07 -2.02
C PRO A 269 6.42 -13.77 -1.25
N GLY A 270 5.31 -13.05 -1.15
CA GLY A 270 5.33 -11.79 -0.41
C GLY A 270 6.09 -10.67 -1.09
N CYS A 271 6.32 -10.79 -2.39
CA CYS A 271 7.03 -9.81 -3.19
C CYS A 271 6.16 -9.43 -4.37
N GLY A 272 6.10 -8.15 -4.69
CA GLY A 272 5.35 -7.70 -5.84
C GLY A 272 6.20 -7.48 -7.08
N HIS A 273 6.07 -6.30 -7.68
CA HIS A 273 6.79 -5.98 -8.91
C HIS A 273 8.26 -5.63 -8.66
N TRP A 274 8.55 -4.97 -7.55
CA TRP A 274 9.83 -4.28 -7.38
C TRP A 274 10.81 -5.17 -6.61
N LEU A 275 11.17 -6.32 -7.22
CA LEU A 275 11.95 -7.33 -6.51
C LEU A 275 13.25 -6.81 -5.88
N PRO A 276 14.07 -6.01 -6.57
CA PRO A 276 15.35 -5.59 -5.95
C PRO A 276 15.17 -4.85 -4.65
N GLU A 277 14.09 -4.11 -4.48
CA GLU A 277 13.83 -3.34 -3.27
C GLU A 277 12.94 -4.07 -2.28
N GLU A 278 11.85 -4.69 -2.75
CA GLU A 278 10.93 -5.36 -1.84
C GLU A 278 11.52 -6.62 -1.25
N CYS A 279 12.37 -7.30 -2.01
CA CYS A 279 12.84 -8.62 -1.60
C CYS A 279 14.32 -8.76 -1.92
N ALA A 280 15.11 -7.82 -1.40
CA ALA A 280 16.52 -7.70 -1.73
C ALA A 280 17.31 -8.96 -1.39
N ALA A 281 17.10 -9.50 -0.18
CA ALA A 281 17.96 -10.62 0.21
C ALA A 281 17.72 -11.85 -0.66
N PRO A 282 16.48 -12.35 -0.84
CA PRO A 282 16.34 -13.55 -1.67
C PRO A 282 16.62 -13.28 -3.14
N MET A 283 16.27 -12.10 -3.67
CA MET A 283 16.55 -11.82 -5.08
C MET A 283 18.05 -11.74 -5.33
N ASN A 284 18.79 -11.01 -4.48
CA ASN A 284 20.23 -10.90 -4.67
C ASN A 284 20.89 -12.26 -4.63
N ARG A 285 20.49 -13.11 -3.67
CA ARG A 285 21.07 -14.45 -3.57
C ARG A 285 20.80 -15.26 -4.82
N LEU A 286 19.56 -15.22 -5.33
CA LEU A 286 19.22 -15.99 -6.52
C LEU A 286 20.06 -15.55 -7.71
N VAL A 287 20.19 -14.23 -7.90
CA VAL A 287 20.93 -13.70 -9.05
C VAL A 287 22.41 -14.02 -8.92
N ILE A 288 23.00 -13.80 -7.73
CA ILE A 288 24.43 -14.06 -7.55
C ILE A 288 24.73 -15.54 -7.74
N ASP A 289 23.88 -16.41 -7.19
CA ASP A 289 24.11 -17.85 -7.34
C ASP A 289 23.99 -18.28 -8.79
N PHE A 290 23.02 -17.73 -9.51
CA PHE A 290 22.81 -18.14 -10.90
C PHE A 290 23.99 -17.69 -11.77
N LEU A 291 24.44 -16.46 -11.60
CA LEU A 291 25.55 -15.96 -12.40
C LEU A 291 26.89 -16.56 -12.00
N SER A 292 27.01 -17.04 -10.76
CA SER A 292 28.27 -17.60 -10.30
C SER A 292 28.47 -19.04 -10.70
N ARG A 293 27.48 -19.70 -11.30
CA ARG A 293 27.69 -21.05 -11.84
C ARG A 293 28.71 -21.01 -12.99
N ALA B 1 -28.30 29.76 -13.99
CA ALA B 1 -28.04 28.75 -12.97
C ALA B 1 -28.10 27.35 -13.59
N GLU B 2 -28.92 27.20 -14.63
CA GLU B 2 -28.96 25.95 -15.36
C GLU B 2 -27.61 25.68 -16.00
N GLU B 3 -27.13 24.44 -15.86
CA GLU B 3 -25.88 24.05 -16.52
C GLU B 3 -26.05 23.83 -18.02
N PHE B 4 -27.25 23.46 -18.44
CA PHE B 4 -27.55 23.16 -19.83
C PHE B 4 -28.89 23.77 -20.20
N PRO B 5 -29.07 24.20 -21.45
CA PRO B 5 -30.32 24.84 -21.85
C PRO B 5 -31.48 23.84 -21.94
N VAL B 6 -32.62 24.22 -21.39
CA VAL B 6 -33.80 23.37 -21.33
C VAL B 6 -34.60 23.50 -22.61
N PRO B 7 -35.02 22.40 -23.24
CA PRO B 7 -35.88 22.49 -24.43
C PRO B 7 -37.21 23.15 -24.14
N ASN B 8 -37.77 23.79 -25.17
CA ASN B 8 -39.07 24.44 -25.04
C ASN B 8 -40.14 23.44 -24.62
N GLY B 9 -40.98 23.86 -23.68
CA GLY B 9 -42.01 22.99 -23.16
C GLY B 9 -41.58 22.07 -22.03
N PHE B 10 -40.31 22.07 -21.66
CA PHE B 10 -39.81 21.26 -20.56
C PHE B 10 -39.51 22.14 -19.37
N GLU B 11 -39.57 21.55 -18.17
CA GLU B 11 -39.26 22.23 -16.93
C GLU B 11 -38.07 21.54 -16.25
N SER B 12 -37.19 22.36 -15.69
CA SER B 12 -36.11 21.88 -14.82
C SER B 12 -36.60 22.01 -13.38
N ALA B 13 -36.47 20.93 -12.60
CA ALA B 13 -37.05 20.91 -11.26
C ALA B 13 -36.21 19.99 -10.37
N TYR B 14 -36.60 19.94 -9.08
CA TYR B 14 -35.91 19.14 -8.08
C TYR B 14 -36.93 18.38 -7.23
N ARG B 15 -36.58 17.17 -6.82
CA ARG B 15 -37.37 16.41 -5.87
C ARG B 15 -36.45 15.79 -4.84
N GLU B 16 -36.85 15.87 -3.57
CA GLU B 16 -36.12 15.20 -2.51
C GLU B 16 -36.51 13.73 -2.49
N VAL B 17 -35.53 12.85 -2.55
CA VAL B 17 -35.75 11.40 -2.52
C VAL B 17 -34.81 10.84 -1.47
N ASP B 18 -35.37 10.32 -0.38
CA ASP B 18 -34.58 9.78 0.73
C ASP B 18 -33.50 10.75 1.19
N GLY B 19 -33.89 12.01 1.35
CA GLY B 19 -32.96 13.03 1.82
C GLY B 19 -32.00 13.55 0.79
N VAL B 20 -32.11 13.15 -0.48
CA VAL B 20 -31.18 13.55 -1.53
C VAL B 20 -31.95 14.38 -2.55
N LYS B 21 -31.46 15.60 -2.80
CA LYS B 21 -32.14 16.49 -3.73
C LYS B 21 -31.69 16.17 -5.15
N LEU B 22 -32.57 15.57 -5.94
CA LEU B 22 -32.29 15.18 -7.32
C LEU B 22 -32.83 16.21 -8.29
N HIS B 23 -32.04 16.52 -9.31
CA HIS B 23 -32.46 17.41 -10.39
C HIS B 23 -32.94 16.59 -11.57
N TYR B 24 -33.93 17.11 -12.28
CA TYR B 24 -34.43 16.44 -13.47
C TYR B 24 -35.06 17.47 -14.40
N VAL B 25 -35.24 17.06 -15.65
CA VAL B 25 -35.95 17.86 -16.64
C VAL B 25 -37.13 17.02 -17.11
N LYS B 26 -38.33 17.63 -17.14
CA LYS B 26 -39.56 16.89 -17.39
C LYS B 26 -40.42 17.63 -18.41
N GLY B 27 -41.04 16.86 -19.32
CA GLY B 27 -42.03 17.41 -20.22
C GLY B 27 -42.93 16.33 -20.78
N GLY B 28 -43.98 16.78 -21.46
CA GLY B 28 -44.88 15.89 -22.17
C GLY B 28 -46.07 15.47 -21.33
N GLN B 29 -46.89 14.61 -21.92
CA GLN B 29 -48.07 14.05 -21.29
C GLN B 29 -48.24 12.60 -21.74
N GLY B 30 -48.85 11.80 -20.88
CA GLY B 30 -49.03 10.39 -21.17
C GLY B 30 -48.20 9.51 -20.26
N PRO B 31 -48.05 8.23 -20.62
CA PRO B 31 -47.27 7.32 -19.79
C PRO B 31 -45.81 7.78 -19.67
N LEU B 32 -45.19 7.42 -18.54
CA LEU B 32 -43.89 7.96 -18.16
C LEU B 32 -42.76 7.17 -18.82
N VAL B 33 -41.81 7.90 -19.38
CA VAL B 33 -40.52 7.34 -19.78
C VAL B 33 -39.45 8.07 -19.00
N MET B 34 -38.63 7.32 -18.28
CA MET B 34 -37.45 7.88 -17.61
C MET B 34 -36.23 7.59 -18.46
N LEU B 35 -35.41 8.61 -18.69
CA LEU B 35 -34.17 8.50 -19.45
C LEU B 35 -32.99 8.76 -18.52
N VAL B 36 -32.03 7.83 -18.47
CA VAL B 36 -30.93 7.91 -17.50
C VAL B 36 -29.59 7.92 -18.23
N HIS B 37 -28.86 9.02 -18.09
CA HIS B 37 -27.58 9.29 -18.73
C HIS B 37 -26.43 8.52 -18.10
N GLY B 38 -25.24 8.65 -18.69
CA GLY B 38 -24.05 7.98 -18.17
C GLY B 38 -22.87 8.89 -17.85
N PHE B 39 -21.68 8.29 -17.73
CA PHE B 39 -20.47 9.02 -17.34
C PHE B 39 -20.10 10.11 -18.32
N GLY B 40 -19.61 11.22 -17.79
CA GLY B 40 -19.20 12.37 -18.58
C GLY B 40 -20.32 13.28 -19.01
N GLN B 41 -21.57 12.88 -18.78
CA GLN B 41 -22.71 13.56 -19.32
C GLN B 41 -23.71 13.79 -18.20
N THR B 42 -24.86 14.32 -18.58
CA THR B 42 -25.96 14.70 -17.70
C THR B 42 -27.26 14.39 -18.42
N TRP B 43 -28.37 14.88 -17.86
CA TRP B 43 -29.66 14.76 -18.54
C TRP B 43 -29.59 15.27 -19.96
N TYR B 44 -28.69 16.22 -20.22
CA TYR B 44 -28.67 16.94 -21.49
C TYR B 44 -28.37 16.02 -22.68
N GLU B 45 -27.76 14.85 -22.46
CA GLU B 45 -27.50 13.98 -23.59
C GLU B 45 -28.80 13.52 -24.25
N TRP B 46 -29.92 13.60 -23.55
CA TRP B 46 -31.21 13.21 -24.10
C TRP B 46 -31.98 14.37 -24.74
N HIS B 47 -31.38 15.55 -24.90
CA HIS B 47 -32.18 16.72 -25.24
C HIS B 47 -32.73 16.69 -26.66
N GLN B 48 -32.19 15.89 -27.56
CA GLN B 48 -32.79 15.78 -28.89
C GLN B 48 -33.92 14.75 -28.89
N LEU B 49 -33.76 13.68 -28.12
CA LEU B 49 -34.80 12.65 -28.03
C LEU B 49 -36.03 13.17 -27.28
N MET B 50 -35.82 13.98 -26.26
CA MET B 50 -36.90 14.35 -25.35
C MET B 50 -38.08 15.01 -26.03
N PRO B 51 -37.91 15.99 -26.93
CA PRO B 51 -39.10 16.61 -27.57
C PRO B 51 -39.87 15.66 -28.47
N GLU B 52 -39.18 14.74 -29.16
CA GLU B 52 -39.90 13.77 -29.99
C GLU B 52 -40.70 12.80 -29.12
N LEU B 53 -40.09 12.30 -28.05
CA LEU B 53 -40.78 11.39 -27.13
C LEU B 53 -41.94 12.09 -26.42
N ALA B 54 -41.81 13.38 -26.12
CA ALA B 54 -42.86 14.10 -25.39
C ALA B 54 -44.12 14.28 -26.20
N LYS B 55 -44.09 13.98 -27.50
CA LYS B 55 -45.29 13.99 -28.30
C LYS B 55 -46.27 12.91 -27.86
N ARG B 56 -45.77 11.82 -27.28
CA ARG B 56 -46.59 10.67 -26.91
C ARG B 56 -46.44 10.24 -25.46
N PHE B 57 -45.41 10.70 -24.75
CA PHE B 57 -45.14 10.25 -23.38
C PHE B 57 -44.86 11.45 -22.48
N THR B 58 -45.02 11.23 -21.17
CA THR B 58 -44.37 12.08 -20.19
C THR B 58 -42.91 11.65 -20.09
N VAL B 59 -42.00 12.59 -20.21
CA VAL B 59 -40.57 12.28 -20.28
C VAL B 59 -39.88 12.92 -19.09
N ILE B 60 -39.14 12.11 -18.32
CA ILE B 60 -38.32 12.63 -17.24
C ILE B 60 -36.88 12.18 -17.42
N ALA B 61 -35.95 13.12 -17.29
CA ALA B 61 -34.51 12.84 -17.43
C ALA B 61 -33.79 13.36 -16.20
N PRO B 62 -33.43 12.50 -15.25
CA PRO B 62 -32.72 12.94 -14.05
C PRO B 62 -31.21 13.02 -14.23
N ASP B 63 -30.60 13.87 -13.42
CA ASP B 63 -29.15 13.78 -13.22
C ASP B 63 -28.87 12.71 -12.18
N LEU B 64 -27.92 11.82 -12.49
CA LEU B 64 -27.49 10.81 -11.53
C LEU B 64 -26.98 11.49 -10.27
N PRO B 65 -27.16 10.87 -9.11
CA PRO B 65 -26.68 11.45 -7.85
C PRO B 65 -25.22 11.88 -7.95
N GLY B 66 -24.96 13.11 -7.52
CA GLY B 66 -23.63 13.69 -7.55
C GLY B 66 -23.24 14.30 -8.88
N LEU B 67 -23.94 13.98 -9.96
CA LEU B 67 -23.62 14.49 -11.28
C LEU B 67 -24.67 15.53 -11.68
N GLY B 68 -24.31 16.33 -12.68
CA GLY B 68 -25.12 17.46 -13.06
C GLY B 68 -25.45 18.33 -11.86
N GLN B 69 -26.74 18.55 -11.63
CA GLN B 69 -27.21 19.35 -10.52
C GLN B 69 -27.86 18.50 -9.41
N SER B 70 -27.65 17.19 -9.41
CA SER B 70 -28.20 16.32 -8.38
C SER B 70 -27.20 16.17 -7.22
N GLU B 71 -27.74 16.13 -6.00
CA GLU B 71 -26.90 15.96 -4.81
C GLU B 71 -26.30 14.55 -4.79
N PRO B 72 -25.14 14.39 -4.16
CA PRO B 72 -24.54 13.06 -3.99
C PRO B 72 -25.47 12.15 -3.21
N PRO B 73 -25.37 10.83 -3.41
CA PRO B 73 -26.15 9.91 -2.60
C PRO B 73 -25.68 9.93 -1.15
N LYS B 74 -26.63 9.71 -0.24
CA LYS B 74 -26.30 9.60 1.17
C LYS B 74 -26.04 8.17 1.60
N THR B 75 -26.33 7.20 0.74
CA THR B 75 -26.08 5.79 1.03
C THR B 75 -24.78 5.32 0.40
N GLY B 76 -24.69 5.36 -0.91
CA GLY B 76 -23.47 4.95 -1.59
C GLY B 76 -23.70 4.87 -3.08
N TYR B 77 -22.66 4.48 -3.79
CA TYR B 77 -22.65 4.53 -5.25
C TYR B 77 -22.81 3.17 -5.93
N SER B 78 -23.03 2.08 -5.17
CA SER B 78 -23.28 0.81 -5.84
C SER B 78 -24.63 0.85 -6.54
N GLY B 79 -24.80 -0.06 -7.51
CA GLY B 79 -26.00 -0.03 -8.33
C GLY B 79 -27.26 -0.18 -7.52
N GLU B 80 -27.26 -1.09 -6.54
CA GLU B 80 -28.46 -1.31 -5.75
C GLU B 80 -28.82 -0.08 -4.93
N GLN B 81 -27.82 0.64 -4.43
CA GLN B 81 -28.09 1.85 -3.63
C GLN B 81 -28.61 2.98 -4.51
N VAL B 82 -27.98 3.20 -5.65
CA VAL B 82 -28.38 4.31 -6.51
C VAL B 82 -29.75 4.03 -7.12
N ALA B 83 -29.99 2.75 -7.45
CA ALA B 83 -31.27 2.38 -8.08
C ALA B 83 -32.47 2.72 -7.20
N VAL B 84 -32.30 2.74 -5.86
CA VAL B 84 -33.40 3.12 -4.99
C VAL B 84 -33.84 4.56 -5.26
N TYR B 85 -32.88 5.48 -5.40
CA TYR B 85 -33.21 6.88 -5.67
C TYR B 85 -33.98 7.02 -6.98
N LEU B 86 -33.53 6.32 -8.02
CA LEU B 86 -34.16 6.46 -9.33
C LEU B 86 -35.55 5.83 -9.34
N HIS B 87 -35.69 4.67 -8.70
CA HIS B 87 -36.99 4.02 -8.64
C HIS B 87 -38.01 4.89 -7.91
N LYS B 88 -37.63 5.43 -6.75
CA LYS B 88 -38.58 6.24 -6.00
C LYS B 88 -38.89 7.55 -6.71
N LEU B 89 -37.92 8.10 -7.44
CA LEU B 89 -38.20 9.28 -8.25
C LEU B 89 -39.24 8.99 -9.32
N ALA B 90 -39.08 7.89 -10.06
CA ALA B 90 -40.04 7.53 -11.09
C ALA B 90 -41.42 7.29 -10.49
N ARG B 91 -41.47 6.65 -9.32
CA ARG B 91 -42.74 6.36 -8.66
C ARG B 91 -43.47 7.62 -8.22
N GLN B 92 -42.75 8.69 -7.88
CA GLN B 92 -43.44 9.95 -7.58
C GLN B 92 -44.26 10.43 -8.78
N PHE B 93 -43.84 10.12 -10.00
CA PHE B 93 -44.52 10.60 -11.18
C PHE B 93 -45.40 9.56 -11.86
N SER B 94 -45.18 8.27 -11.64
CA SER B 94 -46.03 7.22 -12.22
C SER B 94 -46.41 6.22 -11.13
N PRO B 95 -47.18 6.66 -10.12
CA PRO B 95 -47.55 5.73 -9.03
C PRO B 95 -48.59 4.70 -9.43
N ASP B 96 -49.34 4.91 -10.50
CA ASP B 96 -50.47 4.04 -10.83
C ASP B 96 -50.31 3.29 -12.14
N ARG B 97 -49.16 3.39 -12.81
CA ARG B 97 -48.88 2.75 -14.08
C ARG B 97 -47.43 2.33 -14.12
N PRO B 98 -47.11 1.21 -14.77
CA PRO B 98 -45.71 0.93 -15.10
C PRO B 98 -45.13 2.02 -15.99
N PHE B 99 -43.84 2.26 -15.87
CA PHE B 99 -43.17 3.25 -16.68
C PHE B 99 -42.10 2.59 -17.53
N ASP B 100 -41.68 3.28 -18.58
CA ASP B 100 -40.61 2.82 -19.45
C ASP B 100 -39.28 3.39 -18.99
N LEU B 101 -38.20 2.67 -19.29
CA LEU B 101 -36.87 3.07 -18.89
C LEU B 101 -35.93 2.97 -20.08
N VAL B 102 -35.17 4.04 -20.33
CA VAL B 102 -34.09 4.06 -21.30
C VAL B 102 -32.82 4.50 -20.55
N ALA B 103 -31.75 3.72 -20.68
CA ALA B 103 -30.51 4.07 -19.97
C ALA B 103 -29.30 3.85 -20.86
N HIS B 104 -28.29 4.70 -20.64
CA HIS B 104 -27.04 4.67 -21.38
C HIS B 104 -25.86 4.55 -20.41
N ASP B 105 -24.90 3.69 -20.75
CA ASP B 105 -23.61 3.59 -20.05
CA ASP B 105 -23.61 3.59 -20.06
C ASP B 105 -23.88 3.25 -18.58
N ILE B 106 -23.33 4.01 -17.62
CA ILE B 106 -23.53 3.64 -16.20
C ILE B 106 -24.97 3.83 -15.74
N GLY B 107 -25.80 4.51 -16.54
CA GLY B 107 -27.23 4.51 -16.27
C GLY B 107 -27.81 3.11 -16.19
N ILE B 108 -27.23 2.18 -16.96
CA ILE B 108 -27.57 0.75 -16.83
C ILE B 108 -27.20 0.24 -15.44
N TRP B 109 -25.96 0.49 -15.01
CA TRP B 109 -25.50 0.01 -13.71
C TRP B 109 -26.44 0.49 -12.60
N ASN B 110 -26.94 1.70 -12.73
CA ASN B 110 -27.70 2.35 -11.68
C ASN B 110 -29.19 2.10 -11.81
N THR B 111 -29.65 1.34 -12.81
CA THR B 111 -31.06 1.01 -12.92
C THR B 111 -31.36 -0.48 -12.91
N TYR B 112 -30.44 -1.33 -13.36
CA TYR B 112 -30.73 -2.76 -13.43
C TYR B 112 -31.25 -3.35 -12.13
N PRO B 113 -30.71 -3.04 -10.94
CA PRO B 113 -31.26 -3.67 -9.72
C PRO B 113 -32.70 -3.29 -9.46
N MET B 114 -33.10 -2.06 -9.75
CA MET B 114 -34.50 -1.71 -9.49
C MET B 114 -35.42 -2.29 -10.55
N VAL B 115 -34.93 -2.50 -11.79
CA VAL B 115 -35.75 -3.18 -12.79
C VAL B 115 -36.01 -4.61 -12.35
N VAL B 116 -34.95 -5.31 -11.93
CA VAL B 116 -35.11 -6.74 -11.66
C VAL B 116 -35.90 -6.97 -10.38
N LYS B 117 -35.85 -6.04 -9.44
CA LYS B 117 -36.58 -6.20 -8.19
C LYS B 117 -38.00 -5.66 -8.22
N ASN B 118 -38.35 -4.86 -9.23
CA ASN B 118 -39.68 -4.25 -9.30
C ASN B 118 -40.22 -4.39 -10.71
N GLN B 119 -40.32 -5.64 -11.18
CA GLN B 119 -40.58 -5.86 -12.60
C GLN B 119 -41.98 -5.39 -13.00
N ALA B 120 -42.95 -5.46 -12.10
CA ALA B 120 -44.30 -4.99 -12.39
C ALA B 120 -44.35 -3.49 -12.64
N ASP B 121 -43.34 -2.74 -12.20
CA ASP B 121 -43.30 -1.29 -12.40
C ASP B 121 -42.67 -0.87 -13.72
N ILE B 122 -42.10 -1.81 -14.48
CA ILE B 122 -41.34 -1.48 -15.68
C ILE B 122 -42.08 -2.03 -16.89
N ALA B 123 -42.59 -1.15 -17.74
CA ALA B 123 -43.35 -1.62 -18.89
C ALA B 123 -42.41 -2.11 -19.98
N ARG B 124 -41.46 -1.29 -20.40
CA ARG B 124 -40.50 -1.64 -21.45
C ARG B 124 -39.15 -1.06 -21.10
N LEU B 125 -38.08 -1.67 -21.61
CA LEU B 125 -36.73 -1.38 -21.21
C LEU B 125 -35.82 -1.20 -22.43
N VAL B 126 -35.07 -0.10 -22.48
CA VAL B 126 -34.04 0.11 -23.50
C VAL B 126 -32.69 0.35 -22.82
N TYR B 127 -31.71 -0.49 -23.10
CA TYR B 127 -30.36 -0.37 -22.58
C TYR B 127 -29.37 -0.20 -23.73
N MET B 128 -28.45 0.77 -23.60
CA MET B 128 -27.48 0.99 -24.67
C MET B 128 -26.09 1.26 -24.12
N GLN B 129 -25.10 0.59 -24.73
CA GLN B 129 -23.68 0.95 -24.62
C GLN B 129 -23.14 0.93 -23.18
N ALA B 130 -23.20 -0.25 -22.55
CA ALA B 130 -22.39 -0.64 -21.41
C ALA B 130 -22.84 -2.01 -20.94
N PRO B 131 -21.93 -2.82 -20.41
CA PRO B 131 -22.34 -4.11 -19.86
C PRO B 131 -23.13 -3.90 -18.58
N ILE B 132 -24.09 -4.78 -18.36
CA ILE B 132 -24.56 -4.95 -16.98
C ILE B 132 -23.41 -5.47 -16.13
N PRO B 133 -23.15 -4.90 -14.95
CA PRO B 133 -22.01 -5.37 -14.16
C PRO B 133 -22.16 -6.84 -13.83
N ASP B 134 -21.23 -7.64 -14.35
CA ASP B 134 -21.14 -9.05 -14.03
C ASP B 134 -19.75 -9.52 -14.44
N ALA B 135 -19.49 -10.82 -14.24
CA ALA B 135 -18.16 -11.39 -14.47
C ALA B 135 -17.66 -11.18 -15.89
N ARG B 136 -18.55 -10.88 -16.85
CA ARG B 136 -18.09 -10.67 -18.22
C ARG B 136 -17.17 -9.47 -18.33
N ILE B 137 -17.30 -8.48 -17.44
CA ILE B 137 -16.42 -7.32 -17.52
C ILE B 137 -14.98 -7.69 -17.23
N TYR B 138 -14.71 -8.81 -16.54
CA TYR B 138 -13.34 -9.21 -16.27
C TYR B 138 -12.63 -9.81 -17.48
N ARG B 139 -13.31 -9.94 -18.61
CA ARG B 139 -12.73 -10.49 -19.83
C ARG B 139 -12.26 -9.42 -20.81
N PHE B 140 -12.62 -8.18 -20.62
CA PHE B 140 -12.20 -7.15 -21.57
C PHE B 140 -10.69 -6.93 -21.46
N PRO B 141 -10.01 -6.70 -22.58
CA PRO B 141 -8.55 -6.59 -22.55
C PRO B 141 -8.05 -5.24 -22.06
N ALA B 142 -6.89 -5.28 -21.39
CA ALA B 142 -6.23 -4.07 -20.93
C ALA B 142 -5.59 -3.27 -22.05
N PHE B 143 -5.29 -3.89 -23.18
CA PHE B 143 -4.48 -3.29 -24.25
C PHE B 143 -4.74 -4.09 -25.52
N THR B 144 -4.70 -3.40 -26.66
CA THR B 144 -5.01 -4.04 -27.94
C THR B 144 -3.87 -3.80 -28.92
N ALA B 145 -3.87 -4.62 -29.98
CA ALA B 145 -2.89 -4.46 -31.05
C ALA B 145 -3.02 -3.15 -31.80
N GLN B 146 -4.11 -2.39 -31.58
CA GLN B 146 -4.30 -1.09 -32.21
C GLN B 146 -4.09 0.08 -31.26
N GLY B 147 -3.76 -0.18 -29.99
CA GLY B 147 -3.57 0.87 -29.01
C GLY B 147 -4.48 0.70 -27.81
N GLU B 148 -4.91 1.82 -27.25
CA GLU B 148 -5.66 1.77 -26.01
C GLU B 148 -6.97 1.01 -26.22
N SER B 149 -7.37 0.27 -25.19
CA SER B 149 -8.55 -0.58 -25.23
C SER B 149 -9.80 0.18 -24.82
N LEU B 150 -10.94 -0.49 -24.91
CA LEU B 150 -12.22 0.17 -24.68
C LEU B 150 -12.43 0.51 -23.21
N VAL B 151 -12.04 -0.39 -22.28
CA VAL B 151 -12.45 -0.16 -20.90
C VAL B 151 -11.29 -0.17 -19.90
N TRP B 152 -10.08 0.14 -20.34
CA TRP B 152 -9.01 0.35 -19.36
C TRP B 152 -9.37 1.44 -18.34
N HIS B 153 -10.27 2.35 -18.71
CA HIS B 153 -10.68 3.39 -17.77
C HIS B 153 -11.40 2.86 -16.54
N PHE B 154 -12.00 1.65 -16.61
CA PHE B 154 -12.55 1.04 -15.39
C PHE B 154 -11.51 1.00 -14.28
N SER B 155 -10.28 0.60 -14.61
CA SER B 155 -9.24 0.50 -13.59
C SER B 155 -8.75 1.87 -13.18
N PHE B 156 -8.59 2.77 -14.15
CA PHE B 156 -8.17 4.14 -13.86
C PHE B 156 -9.13 4.81 -12.88
N PHE B 157 -10.43 4.69 -13.15
CA PHE B 157 -11.44 5.37 -12.33
C PHE B 157 -11.65 4.67 -10.99
N ALA B 158 -11.48 3.35 -10.94
CA ALA B 158 -11.64 2.62 -9.68
C ALA B 158 -10.43 2.72 -8.75
N ALA B 159 -9.28 3.18 -9.23
CA ALA B 159 -8.08 3.24 -8.40
C ALA B 159 -8.31 4.14 -7.17
N ASP B 160 -7.62 3.80 -6.08
CA ASP B 160 -7.73 4.56 -4.82
C ASP B 160 -6.77 5.75 -4.85
N ASP B 161 -6.48 6.34 -3.68
CA ASP B 161 -5.67 7.55 -3.58
C ASP B 161 -6.29 8.72 -4.38
N ARG B 162 -7.60 8.65 -4.68
CA ARG B 162 -8.23 9.61 -5.59
C ARG B 162 -7.36 9.84 -6.83
N LEU B 163 -6.83 8.75 -7.40
CA LEU B 163 -5.91 8.87 -8.53
C LEU B 163 -6.50 9.69 -9.67
N ALA B 164 -7.73 9.35 -10.09
CA ALA B 164 -8.34 10.02 -11.24
C ALA B 164 -8.60 11.49 -10.96
N GLU B 165 -9.22 11.81 -9.80
CA GLU B 165 -9.49 13.21 -9.49
C GLU B 165 -8.20 14.01 -9.42
N THR B 166 -7.14 13.42 -8.89
CA THR B 166 -5.93 14.19 -8.71
C THR B 166 -5.25 14.46 -10.06
N LEU B 167 -5.25 13.48 -10.95
CA LEU B 167 -4.62 13.68 -12.25
C LEU B 167 -5.47 14.57 -13.16
N ILE B 168 -6.78 14.53 -13.01
CA ILE B 168 -7.63 15.22 -13.98
C ILE B 168 -7.95 16.65 -13.56
N ALA B 169 -7.88 16.95 -12.26
CA ALA B 169 -8.15 18.32 -11.81
C ALA B 169 -7.21 19.31 -12.48
N GLY B 170 -7.77 20.43 -12.94
CA GLY B 170 -7.04 21.37 -13.76
C GLY B 170 -6.95 21.01 -15.22
N LYS B 171 -7.36 19.79 -15.59
CA LYS B 171 -7.29 19.27 -16.96
C LYS B 171 -8.62 18.63 -17.34
N GLU B 172 -9.72 19.09 -16.75
CA GLU B 172 -10.98 18.38 -16.90
C GLU B 172 -11.50 18.46 -18.33
N ARG B 173 -11.37 19.62 -18.97
CA ARG B 173 -11.79 19.76 -20.36
C ARG B 173 -10.92 18.90 -21.27
N PHE B 174 -9.60 19.00 -21.10
CA PHE B 174 -8.69 18.17 -21.86
C PHE B 174 -9.03 16.68 -21.74
N PHE B 175 -9.22 16.20 -20.50
CA PHE B 175 -9.46 14.76 -20.33
C PHE B 175 -10.78 14.34 -20.94
N LEU B 176 -11.83 15.12 -20.70
CA LEU B 176 -13.15 14.72 -21.18
C LEU B 176 -13.20 14.70 -22.70
N GLU B 177 -12.55 15.67 -23.35
CA GLU B 177 -12.52 15.67 -24.81
C GLU B 177 -11.79 14.44 -25.32
N HIS B 178 -10.69 14.06 -24.69
CA HIS B 178 -9.98 12.85 -25.11
C HIS B 178 -10.83 11.62 -24.87
N PHE B 179 -11.46 11.54 -23.70
CA PHE B 179 -12.31 10.38 -23.38
C PHE B 179 -13.47 10.26 -24.36
N ILE B 180 -14.15 11.37 -24.64
CA ILE B 180 -15.28 11.32 -25.57
C ILE B 180 -14.80 10.88 -26.95
N LYS B 181 -13.78 11.56 -27.48
CA LYS B 181 -13.37 11.29 -28.85
C LYS B 181 -12.72 9.92 -28.99
N SER B 182 -12.03 9.44 -27.95
CA SER B 182 -11.44 8.10 -28.02
C SER B 182 -12.49 7.00 -27.98
N HIS B 183 -13.73 7.31 -27.61
CA HIS B 183 -14.79 6.32 -27.67
C HIS B 183 -15.86 6.69 -28.71
N ALA B 184 -15.54 7.60 -29.63
CA ALA B 184 -16.46 8.04 -30.67
C ALA B 184 -16.03 7.53 -32.04
N SER B 185 -17.03 7.32 -32.90
CA SER B 185 -16.80 7.23 -34.33
C SER B 185 -16.95 8.58 -34.99
N ASN B 186 -17.97 9.34 -34.59
CA ASN B 186 -18.31 10.62 -35.18
C ASN B 186 -17.93 11.69 -34.18
N THR B 187 -16.75 12.29 -34.34
CA THR B 187 -16.31 13.31 -33.40
C THR B 187 -16.84 14.70 -33.73
N GLU B 188 -17.25 14.96 -34.97
CA GLU B 188 -17.63 16.31 -35.36
C GLU B 188 -18.89 16.78 -34.66
N VAL B 189 -19.73 15.88 -34.15
CA VAL B 189 -20.94 16.30 -33.44
C VAL B 189 -20.62 16.98 -32.11
N PHE B 190 -19.38 16.88 -31.63
CA PHE B 190 -19.00 17.42 -30.33
C PHE B 190 -18.32 18.76 -30.56
N SER B 191 -19.15 19.80 -30.61
CA SER B 191 -18.67 21.16 -30.76
C SER B 191 -17.86 21.58 -29.54
N GLU B 192 -17.06 22.63 -29.70
CA GLU B 192 -16.38 23.21 -28.55
C GLU B 192 -17.38 23.72 -27.52
N ARG B 193 -18.53 24.22 -27.97
CA ARG B 193 -19.56 24.64 -27.03
C ARG B 193 -20.11 23.47 -26.23
N LEU B 194 -20.37 22.34 -26.89
CA LEU B 194 -20.92 21.18 -26.18
C LEU B 194 -19.91 20.59 -25.21
N LEU B 195 -18.63 20.50 -25.62
CA LEU B 195 -17.62 19.96 -24.72
C LEU B 195 -17.41 20.87 -23.53
N ASP B 196 -17.50 22.20 -23.74
CA ASP B 196 -17.37 23.15 -22.65
C ASP B 196 -18.44 22.92 -21.59
N LEU B 197 -19.69 22.74 -22.03
CA LEU B 197 -20.81 22.54 -21.11
C LEU B 197 -20.62 21.27 -20.29
N TYR B 198 -20.28 20.16 -20.94
CA TYR B 198 -20.07 18.92 -20.19
C TYR B 198 -18.88 19.03 -19.26
N ALA B 199 -17.80 19.68 -19.72
CA ALA B 199 -16.61 19.79 -18.89
C ALA B 199 -16.87 20.65 -17.67
N ARG B 200 -17.55 21.80 -17.84
CA ARG B 200 -17.87 22.63 -16.69
C ARG B 200 -18.70 21.86 -15.66
N SER B 201 -19.60 21.00 -16.12
CA SER B 201 -20.47 20.29 -15.19
C SER B 201 -19.68 19.25 -14.39
N TYR B 202 -18.95 18.37 -15.07
CA TYR B 202 -18.33 17.32 -14.28
C TYR B 202 -17.07 17.81 -13.57
N ALA B 203 -16.62 19.05 -13.84
CA ALA B 203 -15.45 19.59 -13.17
C ALA B 203 -15.75 20.10 -11.76
N LYS B 204 -17.03 20.31 -11.42
CA LYS B 204 -17.37 20.62 -10.05
C LYS B 204 -16.75 19.57 -9.14
N PRO B 205 -16.03 19.95 -8.10
CA PRO B 205 -15.28 18.94 -7.31
C PRO B 205 -16.14 17.79 -6.84
N HIS B 206 -17.36 18.01 -6.33
CA HIS B 206 -18.15 16.86 -5.89
C HIS B 206 -18.62 16.02 -7.07
N SER B 207 -18.74 16.62 -8.26
CA SER B 207 -19.16 15.85 -9.43
C SER B 207 -18.01 15.06 -10.04
N LEU B 208 -16.80 15.63 -10.03
CA LEU B 208 -15.63 14.87 -10.46
C LEU B 208 -15.46 13.63 -9.60
N ASN B 209 -15.55 13.81 -8.28
CA ASN B 209 -15.45 12.67 -7.38
C ASN B 209 -16.58 11.68 -7.60
N ALA B 210 -17.81 12.19 -7.72
CA ALA B 210 -18.96 11.29 -7.88
C ALA B 210 -18.80 10.44 -9.14
N SER B 211 -18.27 11.03 -10.22
CA SER B 211 -18.08 10.30 -11.47
C SER B 211 -17.30 9.01 -11.24
N PHE B 212 -16.21 9.11 -10.47
CA PHE B 212 -15.36 7.95 -10.27
C PHE B 212 -15.87 7.04 -9.18
N GLU B 213 -16.67 7.56 -8.24
CA GLU B 213 -17.20 6.70 -7.19
C GLU B 213 -18.10 5.61 -7.76
N TYR B 214 -18.80 5.89 -8.86
CA TYR B 214 -19.55 4.84 -9.53
C TYR B 214 -18.66 3.68 -9.92
N TYR B 215 -17.42 3.97 -10.30
CA TYR B 215 -16.49 2.91 -10.71
C TYR B 215 -15.82 2.27 -9.51
N ARG B 216 -15.58 3.04 -8.46
CA ARG B 216 -15.07 2.44 -7.24
C ARG B 216 -16.07 1.47 -6.61
N ALA B 217 -17.35 1.60 -6.95
CA ALA B 217 -18.36 0.66 -6.49
C ALA B 217 -18.64 -0.46 -7.49
N LEU B 218 -17.89 -0.54 -8.58
CA LEU B 218 -18.28 -1.45 -9.67
C LEU B 218 -18.19 -2.91 -9.24
N ASN B 219 -17.13 -3.30 -8.53
CA ASN B 219 -17.05 -4.68 -8.06
C ASN B 219 -18.15 -5.01 -7.07
N GLU B 220 -18.54 -4.04 -6.24
CA GLU B 220 -19.66 -4.28 -5.35
C GLU B 220 -20.95 -4.50 -6.14
N SER B 221 -21.15 -3.71 -7.20
CA SER B 221 -22.32 -3.91 -8.05
C SER B 221 -22.28 -5.29 -8.70
N VAL B 222 -21.10 -5.72 -9.17
CA VAL B 222 -20.97 -7.06 -9.75
C VAL B 222 -21.43 -8.11 -8.75
N ARG B 223 -20.99 -7.98 -7.50
CA ARG B 223 -21.37 -8.97 -6.50
C ARG B 223 -22.87 -8.90 -6.22
N GLN B 224 -23.41 -7.68 -6.14
CA GLN B 224 -24.86 -7.53 -5.95
C GLN B 224 -25.62 -8.21 -7.07
N ASN B 225 -25.20 -7.98 -8.31
CA ASN B 225 -25.92 -8.49 -9.46
C ASN B 225 -25.84 -10.01 -9.58
N ALA B 226 -24.79 -10.63 -9.03
CA ALA B 226 -24.71 -12.08 -9.06
C ALA B 226 -25.91 -12.72 -8.38
N GLU B 227 -26.41 -12.11 -7.32
CA GLU B 227 -27.61 -12.62 -6.67
C GLU B 227 -28.87 -12.16 -7.40
N LEU B 228 -28.94 -10.89 -7.77
CA LEU B 228 -30.14 -10.38 -8.43
C LEU B 228 -30.43 -11.12 -9.73
N ALA B 229 -29.38 -11.56 -10.43
CA ALA B 229 -29.56 -12.13 -11.77
C ALA B 229 -30.21 -13.50 -11.75
N LYS B 230 -30.45 -14.09 -10.58
CA LYS B 230 -31.14 -15.37 -10.54
C LYS B 230 -32.59 -15.24 -11.01
N THR B 231 -33.12 -14.03 -11.12
CA THR B 231 -34.45 -13.75 -11.65
C THR B 231 -34.31 -13.04 -13.00
N ARG B 232 -34.72 -13.71 -14.08
CA ARG B 232 -34.65 -13.12 -15.41
C ARG B 232 -35.68 -12.01 -15.58
N LEU B 233 -35.36 -11.04 -16.43
CA LEU B 233 -36.28 -9.97 -16.77
C LEU B 233 -37.34 -10.47 -17.74
N GLN B 234 -38.60 -10.08 -17.49
CA GLN B 234 -39.73 -10.57 -18.27
C GLN B 234 -40.37 -9.53 -19.18
N MET B 235 -40.06 -8.25 -19.02
CA MET B 235 -40.68 -7.22 -19.84
C MET B 235 -39.99 -7.12 -21.21
N PRO B 236 -40.68 -6.54 -22.21
CA PRO B 236 -40.01 -6.33 -23.50
C PRO B 236 -38.78 -5.44 -23.35
N THR B 237 -37.67 -5.88 -23.93
CA THR B 237 -36.38 -5.20 -23.81
CA THR B 237 -36.41 -5.16 -23.82
C THR B 237 -35.77 -4.99 -25.19
N MET B 238 -35.09 -3.87 -25.37
CA MET B 238 -34.33 -3.60 -26.59
C MET B 238 -32.93 -3.13 -26.21
N THR B 239 -31.91 -3.67 -26.88
CA THR B 239 -30.55 -3.15 -26.70
C THR B 239 -30.12 -2.39 -27.96
N LEU B 240 -29.30 -1.37 -27.76
CA LEU B 240 -28.65 -0.63 -28.85
C LEU B 240 -27.16 -0.56 -28.56
N ALA B 241 -26.36 -0.66 -29.62
CA ALA B 241 -24.92 -0.56 -29.49
C ALA B 241 -24.36 0.01 -30.79
N GLY B 242 -23.24 0.72 -30.68
CA GLY B 242 -22.53 1.16 -31.86
C GLY B 242 -21.72 0.04 -32.47
N GLY B 243 -21.59 0.08 -33.80
CA GLY B 243 -20.80 -0.88 -34.53
C GLY B 243 -19.43 -0.34 -34.90
N GLY B 244 -19.22 0.95 -34.68
CA GLY B 244 -17.97 1.60 -35.03
C GLY B 244 -17.01 1.66 -33.86
N HIS B 245 -15.93 2.42 -34.06
CA HIS B 245 -14.95 2.63 -33.00
C HIS B 245 -15.62 3.15 -31.75
N GLY B 246 -15.37 2.48 -30.61
CA GLY B 246 -16.01 2.82 -29.35
C GLY B 246 -17.28 2.07 -29.03
N GLY B 247 -17.86 1.36 -30.01
CA GLY B 247 -19.11 0.68 -29.77
C GLY B 247 -18.90 -0.70 -29.16
N MET B 248 -19.94 -1.16 -28.46
CA MET B 248 -19.93 -2.50 -27.85
C MET B 248 -20.15 -3.61 -28.87
N GLY B 249 -20.61 -3.28 -30.08
CA GLY B 249 -20.83 -4.33 -31.06
C GLY B 249 -21.91 -5.29 -30.61
N THR B 250 -21.70 -6.58 -30.92
CA THR B 250 -22.67 -7.62 -30.60
C THR B 250 -22.68 -7.98 -29.11
N PHE B 251 -21.74 -7.47 -28.31
CA PHE B 251 -21.71 -7.82 -26.90
C PHE B 251 -23.01 -7.45 -26.20
N GLN B 252 -23.56 -6.27 -26.51
CA GLN B 252 -24.71 -5.74 -25.78
C GLN B 252 -25.89 -6.70 -25.83
N LEU B 253 -26.28 -7.13 -27.04
CA LEU B 253 -27.40 -8.06 -27.17
C LEU B 253 -27.03 -9.43 -26.61
N GLU B 254 -25.81 -9.89 -26.83
CA GLU B 254 -25.46 -11.23 -26.38
C GLU B 254 -25.48 -11.32 -24.86
N GLN B 255 -25.00 -10.29 -24.15
CA GLN B 255 -25.13 -10.31 -22.70
C GLN B 255 -26.59 -10.27 -22.28
N MET B 256 -27.36 -9.35 -22.88
CA MET B 256 -28.75 -9.18 -22.46
C MET B 256 -29.56 -10.45 -22.66
N LYS B 257 -29.18 -11.29 -23.63
CA LYS B 257 -29.91 -12.53 -23.83
C LYS B 257 -29.84 -13.43 -22.60
N ALA B 258 -28.79 -13.29 -21.77
CA ALA B 258 -28.71 -14.06 -20.54
C ALA B 258 -29.57 -13.46 -19.43
N TYR B 259 -30.03 -12.22 -19.56
CA TYR B 259 -30.80 -11.56 -18.53
C TYR B 259 -32.29 -11.45 -18.83
N ALA B 260 -32.67 -11.45 -20.11
CA ALA B 260 -34.03 -11.13 -20.51
C ALA B 260 -34.59 -12.20 -21.43
N GLU B 261 -35.87 -12.55 -21.22
CA GLU B 261 -36.55 -13.53 -22.05
C GLU B 261 -36.97 -12.96 -23.39
N ASP B 262 -37.35 -11.69 -23.42
CA ASP B 262 -37.96 -11.05 -24.59
C ASP B 262 -37.10 -9.84 -24.95
N VAL B 263 -36.12 -10.05 -25.83
CA VAL B 263 -35.12 -9.01 -26.11
C VAL B 263 -34.86 -8.97 -27.60
N GLU B 264 -34.77 -7.75 -28.12
CA GLU B 264 -34.31 -7.50 -29.48
C GLU B 264 -33.15 -6.53 -29.40
N GLY B 265 -32.30 -6.54 -30.40
CA GLY B 265 -31.09 -5.73 -30.37
C GLY B 265 -30.75 -5.20 -31.75
N HIS B 266 -30.06 -4.07 -31.75
CA HIS B 266 -29.57 -3.48 -32.98
C HIS B 266 -28.16 -2.97 -32.77
N VAL B 267 -27.32 -3.18 -33.77
CA VAL B 267 -25.98 -2.62 -33.84
C VAL B 267 -26.00 -1.56 -34.93
N LEU B 268 -25.58 -0.34 -34.57
CA LEU B 268 -25.63 0.79 -35.49
C LEU B 268 -24.28 0.97 -36.16
N PRO B 269 -24.11 0.59 -37.42
CA PRO B 269 -22.83 0.82 -38.09
C PRO B 269 -22.51 2.30 -38.14
N GLY B 270 -21.23 2.62 -38.05
CA GLY B 270 -20.79 3.99 -38.17
C GLY B 270 -20.95 4.83 -36.91
N CYS B 271 -21.32 4.20 -35.80
CA CYS B 271 -21.58 4.87 -34.54
C CYS B 271 -20.72 4.26 -33.44
N GLY B 272 -20.22 5.11 -32.55
CA GLY B 272 -19.45 4.62 -31.42
C GLY B 272 -20.24 4.56 -30.12
N HIS B 273 -19.68 5.12 -29.05
CA HIS B 273 -20.29 4.96 -27.73
C HIS B 273 -21.44 5.95 -27.50
N TRP B 274 -21.33 7.14 -28.04
CA TRP B 274 -22.19 8.25 -27.63
C TRP B 274 -23.43 8.34 -28.53
N LEU B 275 -24.23 7.27 -28.48
CA LEU B 275 -25.31 7.09 -29.47
C LEU B 275 -26.27 8.26 -29.56
N PRO B 276 -26.76 8.85 -28.46
CA PRO B 276 -27.71 9.97 -28.60
C PRO B 276 -27.13 11.19 -29.28
N GLU B 277 -25.82 11.38 -29.27
CA GLU B 277 -25.20 12.48 -30.00
C GLU B 277 -24.59 12.05 -31.34
N GLU B 278 -23.88 10.94 -31.38
CA GLU B 278 -23.26 10.52 -32.64
C GLU B 278 -24.28 10.07 -33.65
N CYS B 279 -25.37 9.46 -33.20
CA CYS B 279 -26.31 8.80 -34.10
C CYS B 279 -27.73 9.07 -33.64
N ALA B 280 -28.02 10.37 -33.46
CA ALA B 280 -29.26 10.80 -32.85
C ALA B 280 -30.47 10.34 -33.64
N ALA B 281 -30.49 10.57 -34.96
CA ALA B 281 -31.71 10.31 -35.73
C ALA B 281 -32.09 8.82 -35.75
N PRO B 282 -31.20 7.88 -36.07
CA PRO B 282 -31.63 6.47 -36.03
C PRO B 282 -31.82 5.93 -34.62
N MET B 283 -30.99 6.36 -33.67
CA MET B 283 -31.22 5.97 -32.28
C MET B 283 -32.59 6.45 -31.81
N ASN B 284 -32.91 7.72 -32.08
CA ASN B 284 -34.21 8.24 -31.69
C ASN B 284 -35.34 7.44 -32.30
N ARG B 285 -35.22 7.10 -33.60
CA ARG B 285 -36.28 6.37 -34.29
C ARG B 285 -36.50 5.00 -33.67
N LEU B 286 -35.41 4.27 -33.39
CA LEU B 286 -35.55 2.92 -32.85
C LEU B 286 -36.20 2.94 -31.47
N VAL B 287 -35.77 3.88 -30.62
CA VAL B 287 -36.34 4.00 -29.27
C VAL B 287 -37.82 4.32 -29.35
N ILE B 288 -38.19 5.31 -30.17
CA ILE B 288 -39.58 5.74 -30.27
C ILE B 288 -40.46 4.62 -30.77
N ASP B 289 -40.03 3.95 -31.83
CA ASP B 289 -40.85 2.85 -32.36
C ASP B 289 -40.99 1.73 -31.33
N PHE B 290 -39.89 1.35 -30.69
CA PHE B 290 -39.97 0.27 -29.70
C PHE B 290 -40.90 0.64 -28.56
N LEU B 291 -40.81 1.88 -28.06
CA LEU B 291 -41.66 2.29 -26.95
C LEU B 291 -43.10 2.51 -27.36
N SER B 292 -43.34 2.85 -28.63
CA SER B 292 -44.68 3.17 -29.09
C SER B 292 -45.47 1.94 -29.54
N ARG B 293 -44.82 0.79 -29.67
CA ARG B 293 -45.53 -0.39 -30.13
C ARG B 293 -46.62 -0.82 -29.15
N ALA C 1 -28.59 10.75 13.65
CA ALA C 1 -27.26 10.95 13.06
C ALA C 1 -26.46 9.66 13.05
N GLU C 2 -26.29 9.09 11.86
CA GLU C 2 -25.54 7.85 11.72
C GLU C 2 -24.13 8.16 11.24
N GLU C 3 -23.15 7.46 11.82
CA GLU C 3 -21.78 7.56 11.35
C GLU C 3 -21.57 6.84 10.02
N PHE C 4 -22.38 5.83 9.71
CA PHE C 4 -22.25 5.00 8.50
C PHE C 4 -23.63 4.70 7.94
N PRO C 5 -23.73 4.51 6.63
CA PRO C 5 -25.04 4.24 6.01
C PRO C 5 -25.52 2.83 6.29
N VAL C 6 -26.75 2.74 6.80
CA VAL C 6 -27.41 1.47 7.11
C VAL C 6 -27.88 0.83 5.80
N PRO C 7 -27.68 -0.46 5.61
CA PRO C 7 -28.17 -1.10 4.37
C PRO C 7 -29.69 -1.11 4.33
N ASN C 8 -30.22 -1.16 3.12
CA ASN C 8 -31.68 -1.19 2.93
C ASN C 8 -32.27 -2.36 3.70
N GLY C 9 -33.36 -2.08 4.42
CA GLY C 9 -34.02 -3.10 5.22
C GLY C 9 -33.41 -3.35 6.57
N PHE C 10 -32.40 -2.61 6.98
CA PHE C 10 -31.82 -2.74 8.31
C PHE C 10 -32.18 -1.51 9.14
N GLU C 11 -32.09 -1.69 10.46
CA GLU C 11 -32.39 -0.64 11.42
C GLU C 11 -31.16 -0.38 12.28
N SER C 12 -30.89 0.89 12.54
CA SER C 12 -29.90 1.30 13.52
C SER C 12 -30.61 1.55 14.84
N ALA C 13 -30.12 0.95 15.93
CA ALA C 13 -30.81 1.06 17.21
C ALA C 13 -29.80 0.95 18.36
N TYR C 14 -30.30 1.08 19.59
CA TYR C 14 -29.47 1.06 20.78
C TYR C 14 -30.11 0.15 21.82
N ARG C 15 -29.26 -0.48 22.64
CA ARG C 15 -29.75 -1.30 23.72
C ARG C 15 -28.88 -1.05 24.95
N GLU C 16 -29.52 -0.67 26.04
CA GLU C 16 -28.82 -0.53 27.32
C GLU C 16 -28.55 -1.91 27.90
N VAL C 17 -27.29 -2.20 28.20
CA VAL C 17 -26.87 -3.50 28.72
C VAL C 17 -25.95 -3.24 29.90
N ASP C 18 -26.39 -3.61 31.11
CA ASP C 18 -25.62 -3.40 32.34
C ASP C 18 -25.16 -1.95 32.45
N GLY C 19 -26.09 -1.03 32.18
CA GLY C 19 -25.82 0.39 32.26
C GLY C 19 -25.07 0.97 31.07
N VAL C 20 -24.76 0.20 30.04
CA VAL C 20 -23.97 0.68 28.90
C VAL C 20 -24.84 0.63 27.65
N LYS C 21 -24.99 1.77 26.98
CA LYS C 21 -25.81 1.85 25.77
C LYS C 21 -24.97 1.39 24.58
N LEU C 22 -25.29 0.23 24.03
CA LEU C 22 -24.63 -0.31 22.84
C LEU C 22 -25.42 0.06 21.60
N HIS C 23 -24.70 0.48 20.56
CA HIS C 23 -25.30 0.71 19.25
C HIS C 23 -25.19 -0.58 18.43
N TYR C 24 -26.22 -0.85 17.63
CA TYR C 24 -26.12 -2.00 16.73
C TYR C 24 -26.94 -1.74 15.49
N VAL C 25 -26.71 -2.57 14.48
CA VAL C 25 -27.51 -2.56 13.25
C VAL C 25 -28.10 -3.94 13.10
N LYS C 26 -29.40 -4.01 12.76
CA LYS C 26 -30.13 -5.27 12.78
C LYS C 26 -31.04 -5.36 11.56
N GLY C 27 -31.11 -6.56 10.99
CA GLY C 27 -32.06 -6.81 9.92
C GLY C 27 -32.25 -8.30 9.76
N GLY C 28 -33.23 -8.66 8.93
CA GLY C 28 -33.45 -10.04 8.59
C GLY C 28 -34.34 -10.76 9.58
N GLN C 29 -34.50 -12.06 9.31
CA GLN C 29 -35.40 -12.91 10.06
C GLN C 29 -34.81 -14.31 10.12
N GLY C 30 -35.14 -15.04 11.18
CA GLY C 30 -34.60 -16.36 11.38
C GLY C 30 -33.66 -16.41 12.57
N PRO C 31 -32.89 -17.49 12.69
CA PRO C 31 -31.95 -17.62 13.82
C PRO C 31 -30.90 -16.53 13.79
N LEU C 32 -30.38 -16.20 14.97
CA LEU C 32 -29.55 -15.02 15.16
C LEU C 32 -28.09 -15.29 14.84
N VAL C 33 -27.49 -14.39 14.05
CA VAL C 33 -26.05 -14.33 13.87
C VAL C 33 -25.57 -12.97 14.36
N MET C 34 -24.58 -12.95 15.23
CA MET C 34 -23.97 -11.71 15.69
C MET C 34 -22.61 -11.58 15.03
N LEU C 35 -22.32 -10.39 14.50
CA LEU C 35 -21.06 -10.08 13.83
C LEU C 35 -20.33 -9.01 14.63
N VAL C 36 -19.07 -9.26 15.00
CA VAL C 36 -18.36 -8.37 15.91
C VAL C 36 -17.09 -7.87 15.22
N HIS C 37 -17.03 -6.55 14.98
CA HIS C 37 -15.93 -5.90 14.28
C HIS C 37 -14.69 -5.82 15.17
N GLY C 38 -13.60 -5.31 14.58
CA GLY C 38 -12.33 -5.16 15.29
C GLY C 38 -11.78 -3.75 15.29
N PHE C 39 -10.48 -3.61 15.52
CA PHE C 39 -9.86 -2.31 15.69
C PHE C 39 -9.88 -1.49 14.40
N GLY C 40 -10.07 -0.17 14.54
CA GLY C 40 -10.07 0.74 13.42
C GLY C 40 -11.39 0.78 12.66
N GLN C 41 -12.32 -0.08 12.99
CA GLN C 41 -13.56 -0.16 12.23
C GLN C 41 -14.75 -0.18 13.17
N THR C 42 -15.93 -0.44 12.62
CA THR C 42 -17.18 -0.43 13.35
C THR C 42 -18.02 -1.55 12.77
N TRP C 43 -19.31 -1.56 13.15
CA TRP C 43 -20.22 -2.50 12.52
C TRP C 43 -20.16 -2.45 11.00
N TYR C 44 -19.83 -1.28 10.45
CA TYR C 44 -19.88 -1.07 9.00
C TYR C 44 -18.96 -2.01 8.24
N GLU C 45 -17.96 -2.61 8.89
CA GLU C 45 -17.11 -3.51 8.12
C GLU C 45 -17.89 -4.70 7.59
N TRP C 46 -19.06 -4.98 8.16
CA TRP C 46 -19.90 -6.10 7.81
C TRP C 46 -20.98 -5.75 6.79
N HIS C 47 -21.02 -4.51 6.27
CA HIS C 47 -22.23 -4.05 5.60
C HIS C 47 -22.49 -4.74 4.26
N GLN C 48 -21.47 -5.37 3.66
CA GLN C 48 -21.71 -6.13 2.44
C GLN C 48 -22.14 -7.55 2.72
N LEU C 49 -21.68 -8.13 3.83
CA LEU C 49 -22.07 -9.46 4.24
C LEU C 49 -23.48 -9.50 4.83
N MET C 50 -23.90 -8.42 5.51
CA MET C 50 -25.17 -8.43 6.22
C MET C 50 -26.39 -8.67 5.34
N PRO C 51 -26.55 -8.04 4.18
CA PRO C 51 -27.77 -8.30 3.39
C PRO C 51 -27.86 -9.71 2.87
N GLU C 52 -26.74 -10.36 2.62
CA GLU C 52 -26.78 -11.75 2.17
C GLU C 52 -27.16 -12.69 3.30
N LEU C 53 -26.60 -12.50 4.49
CA LEU C 53 -26.98 -13.32 5.64
C LEU C 53 -28.42 -13.08 6.05
N ALA C 54 -28.91 -11.84 5.89
CA ALA C 54 -30.26 -11.54 6.33
C ALA C 54 -31.32 -12.30 5.55
N LYS C 55 -30.97 -12.91 4.42
CA LYS C 55 -31.92 -13.72 3.65
C LYS C 55 -32.29 -15.00 4.38
N ARG C 56 -31.49 -15.42 5.35
CA ARG C 56 -31.75 -16.63 6.11
C ARG C 56 -31.65 -16.45 7.62
N PHE C 57 -31.10 -15.35 8.11
CA PHE C 57 -30.81 -15.18 9.54
C PHE C 57 -31.30 -13.82 10.02
N THR C 58 -31.54 -13.72 11.31
CA THR C 58 -31.54 -12.42 11.96
C THR C 58 -30.09 -12.03 12.23
N VAL C 59 -29.68 -10.86 11.76
CA VAL C 59 -28.29 -10.43 11.84
C VAL C 59 -28.20 -9.18 12.71
N ILE C 60 -27.29 -9.20 13.69
CA ILE C 60 -27.04 -8.04 14.51
CA ILE C 60 -27.03 -8.04 14.53
C ILE C 60 -25.54 -7.75 14.49
N ALA C 61 -25.19 -6.48 14.29
CA ALA C 61 -23.79 -6.07 14.23
C ALA C 61 -23.64 -4.89 15.19
N PRO C 62 -23.14 -5.13 16.41
CA PRO C 62 -22.94 -4.03 17.36
C PRO C 62 -21.60 -3.34 17.17
N ASP C 63 -21.54 -2.10 17.65
CA ASP C 63 -20.27 -1.42 17.87
C ASP C 63 -19.72 -1.83 19.23
N LEU C 64 -18.45 -2.20 19.28
CA LEU C 64 -17.80 -2.53 20.55
C LEU C 64 -17.90 -1.37 21.51
N PRO C 65 -17.94 -1.64 22.82
CA PRO C 65 -18.04 -0.55 23.80
C PRO C 65 -16.94 0.49 23.58
N GLY C 66 -17.36 1.76 23.55
CA GLY C 66 -16.46 2.86 23.33
C GLY C 66 -16.20 3.20 21.88
N LEU C 67 -16.43 2.27 20.96
CA LEU C 67 -16.21 2.48 19.54
C LEU C 67 -17.52 2.72 18.81
N GLY C 68 -17.42 3.21 17.58
CA GLY C 68 -18.62 3.56 16.83
C GLY C 68 -19.52 4.43 17.68
N GLN C 69 -20.80 4.07 17.76
CA GLN C 69 -21.74 4.84 18.55
C GLN C 69 -22.11 4.15 19.87
N SER C 70 -21.28 3.22 20.35
CA SER C 70 -21.49 2.55 21.63
C SER C 70 -20.77 3.28 22.76
N GLU C 71 -21.42 3.36 23.93
CA GLU C 71 -20.80 3.94 25.11
C GLU C 71 -19.66 3.06 25.61
N PRO C 72 -18.65 3.65 26.24
CA PRO C 72 -17.55 2.86 26.82
C PRO C 72 -18.07 1.91 27.89
N PRO C 73 -17.34 0.85 28.18
CA PRO C 73 -17.75 -0.08 29.24
C PRO C 73 -17.60 0.56 30.60
N LYS C 74 -18.47 0.14 31.52
CA LYS C 74 -18.39 0.62 32.90
C LYS C 74 -17.51 -0.26 33.80
N THR C 75 -17.25 -1.49 33.40
CA THR C 75 -16.40 -2.40 34.19
C THR C 75 -14.95 -2.27 33.77
N GLY C 76 -14.63 -2.71 32.56
CA GLY C 76 -13.28 -2.59 32.03
C GLY C 76 -13.24 -3.11 30.61
N TYR C 77 -12.03 -3.17 30.06
CA TYR C 77 -11.82 -3.50 28.66
C TYR C 77 -11.18 -4.86 28.44
N SER C 78 -10.99 -5.66 29.49
CA SER C 78 -10.45 -7.01 29.28
C SER C 78 -11.49 -7.89 28.60
N GLY C 79 -11.01 -8.97 27.97
CA GLY C 79 -11.90 -9.82 27.19
C GLY C 79 -13.10 -10.30 27.98
N GLU C 80 -12.87 -10.74 29.21
CA GLU C 80 -13.96 -11.31 30.01
C GLU C 80 -14.96 -10.25 30.42
N GLN C 81 -14.52 -9.00 30.65
CA GLN C 81 -15.44 -7.94 30.99
C GLN C 81 -16.31 -7.54 29.80
N VAL C 82 -15.68 -7.31 28.64
CA VAL C 82 -16.42 -6.86 27.47
C VAL C 82 -17.35 -7.97 26.97
N ALA C 83 -16.93 -9.22 27.08
CA ALA C 83 -17.75 -10.32 26.59
C ALA C 83 -19.08 -10.42 27.31
N VAL C 84 -19.14 -10.00 28.57
CA VAL C 84 -20.42 -9.99 29.28
C VAL C 84 -21.42 -9.12 28.53
N TYR C 85 -20.98 -7.95 28.05
CA TYR C 85 -21.90 -7.04 27.37
C TYR C 85 -22.45 -7.67 26.09
N LEU C 86 -21.57 -8.31 25.32
CA LEU C 86 -21.97 -8.87 24.03
C LEU C 86 -22.84 -10.10 24.20
N HIS C 87 -22.52 -10.96 25.18
CA HIS C 87 -23.38 -12.10 25.47
C HIS C 87 -24.79 -11.65 25.85
N LYS C 88 -24.90 -10.69 26.77
CA LYS C 88 -26.22 -10.25 27.19
C LYS C 88 -26.97 -9.58 26.03
N LEU C 89 -26.28 -8.85 25.17
CA LEU C 89 -26.95 -8.23 24.03
C LEU C 89 -27.52 -9.29 23.11
N ALA C 90 -26.70 -10.27 22.72
CA ALA C 90 -27.21 -11.36 21.89
C ALA C 90 -28.39 -12.05 22.56
N ARG C 91 -28.28 -12.30 23.87
CA ARG C 91 -29.34 -13.05 24.53
C ARG C 91 -30.63 -12.26 24.69
N GLN C 92 -30.58 -10.93 24.56
CA GLN C 92 -31.82 -10.16 24.45
C GLN C 92 -32.59 -10.55 23.21
N PHE C 93 -31.90 -10.81 22.10
CA PHE C 93 -32.57 -11.09 20.84
C PHE C 93 -32.72 -12.58 20.57
N SER C 94 -32.01 -13.44 21.31
CA SER C 94 -32.11 -14.89 21.16
C SER C 94 -32.09 -15.52 22.55
N PRO C 95 -33.14 -15.28 23.36
CA PRO C 95 -33.10 -15.76 24.74
C PRO C 95 -33.31 -17.25 24.89
N ASP C 96 -33.86 -17.92 23.88
CA ASP C 96 -34.31 -19.30 24.01
C ASP C 96 -33.63 -20.25 23.04
N ARG C 97 -32.63 -19.79 22.30
CA ARG C 97 -32.02 -20.63 21.28
C ARG C 97 -30.59 -20.17 21.09
N PRO C 98 -29.68 -21.07 20.72
CA PRO C 98 -28.29 -20.66 20.48
C PRO C 98 -28.21 -19.72 19.28
N PHE C 99 -27.15 -18.91 19.26
CA PHE C 99 -26.91 -18.01 18.16
C PHE C 99 -25.54 -18.29 17.56
N ASP C 100 -25.33 -17.83 16.32
CA ASP C 100 -24.02 -17.94 15.67
C ASP C 100 -23.21 -16.66 15.90
N LEU C 101 -21.90 -16.80 15.80
CA LEU C 101 -21.00 -15.70 16.09
C LEU C 101 -19.92 -15.61 15.02
N VAL C 102 -19.70 -14.40 14.50
CA VAL C 102 -18.61 -14.10 13.59
C VAL C 102 -17.85 -12.94 14.19
N ALA C 103 -16.53 -13.07 14.32
CA ALA C 103 -15.75 -12.00 14.91
C ALA C 103 -14.42 -11.84 14.16
N HIS C 104 -13.97 -10.59 14.12
CA HIS C 104 -12.76 -10.21 13.40
C HIS C 104 -11.85 -9.43 14.34
N ASP C 105 -10.56 -9.76 14.33
CA ASP C 105 -9.54 -8.98 15.04
CA ASP C 105 -9.55 -8.97 15.04
C ASP C 105 -9.90 -8.94 16.53
N ILE C 106 -9.96 -7.77 17.17
CA ILE C 106 -10.19 -7.76 18.62
C ILE C 106 -11.62 -8.14 18.98
N GLY C 107 -12.50 -8.23 17.98
CA GLY C 107 -13.77 -8.91 18.20
C GLY C 107 -13.58 -10.31 18.75
N ILE C 108 -12.48 -10.97 18.39
CA ILE C 108 -12.19 -12.29 18.94
C ILE C 108 -11.88 -12.19 20.44
N TRP C 109 -11.03 -11.24 20.80
CA TRP C 109 -10.67 -11.02 22.20
C TRP C 109 -11.91 -10.82 23.06
N ASN C 110 -12.86 -10.06 22.55
CA ASN C 110 -14.01 -9.64 23.33
C ASN C 110 -15.15 -10.63 23.27
N THR C 111 -14.99 -11.77 22.59
CA THR C 111 -16.03 -12.78 22.55
C THR C 111 -15.59 -14.15 23.03
N TYR C 112 -14.32 -14.49 22.89
CA TYR C 112 -13.91 -15.84 23.31
C TYR C 112 -14.33 -16.20 24.73
N PRO C 113 -14.20 -15.33 25.74
CA PRO C 113 -14.63 -15.74 27.10
C PRO C 113 -16.12 -16.05 27.21
N MET C 114 -16.98 -15.30 26.52
CA MET C 114 -18.39 -15.63 26.62
C MET C 114 -18.70 -16.91 25.86
N VAL C 115 -17.92 -17.23 24.82
CA VAL C 115 -18.11 -18.49 24.11
C VAL C 115 -17.77 -19.67 25.00
N VAL C 116 -16.60 -19.63 25.65
CA VAL C 116 -16.16 -20.80 26.40
C VAL C 116 -16.98 -20.96 27.68
N LYS C 117 -17.48 -19.86 28.25
CA LYS C 117 -18.28 -19.97 29.47
C LYS C 117 -19.74 -20.31 29.21
N ASN C 118 -20.23 -20.16 27.98
CA ASN C 118 -21.64 -20.38 27.65
C ASN C 118 -21.74 -21.18 26.35
N GLN C 119 -21.08 -22.34 26.29
CA GLN C 119 -20.95 -23.06 25.03
C GLN C 119 -22.30 -23.44 24.45
N ALA C 120 -23.29 -23.71 25.30
CA ALA C 120 -24.61 -24.10 24.81
C ALA C 120 -25.34 -22.96 24.11
N ASP C 121 -24.90 -21.72 24.28
CA ASP C 121 -25.53 -20.57 23.65
C ASP C 121 -24.98 -20.28 22.26
N ILE C 122 -23.85 -20.88 21.88
CA ILE C 122 -23.19 -20.63 20.60
C ILE C 122 -23.41 -21.82 19.68
N ALA C 123 -24.13 -21.61 18.58
CA ALA C 123 -24.36 -22.71 17.65
C ALA C 123 -23.13 -22.96 16.78
N ARG C 124 -22.64 -21.92 16.10
CA ARG C 124 -21.48 -22.01 15.22
C ARG C 124 -20.66 -20.74 15.39
N LEU C 125 -19.35 -20.87 15.19
CA LEU C 125 -18.39 -19.81 15.47
C LEU C 125 -17.46 -19.62 14.27
N VAL C 126 -17.24 -18.37 13.89
CA VAL C 126 -16.28 -18.01 12.84
C VAL C 126 -15.37 -16.92 13.38
N TYR C 127 -14.07 -17.19 13.41
CA TYR C 127 -13.07 -16.22 13.88
C TYR C 127 -12.11 -15.90 12.75
N MET C 128 -11.78 -14.62 12.57
CA MET C 128 -10.84 -14.27 11.50
C MET C 128 -9.85 -13.20 11.94
N GLN C 129 -8.57 -13.44 11.63
CA GLN C 129 -7.51 -12.42 11.66
C GLN C 129 -7.30 -11.78 13.04
N ALA C 130 -6.98 -12.63 14.01
CA ALA C 130 -6.30 -12.17 15.22
C ALA C 130 -6.05 -13.37 16.10
N PRO C 131 -4.99 -13.36 16.91
CA PRO C 131 -4.82 -14.44 17.88
C PRO C 131 -5.80 -14.31 19.02
N ILE C 132 -6.28 -15.45 19.50
CA ILE C 132 -6.89 -15.44 20.83
C ILE C 132 -5.82 -15.04 21.83
N PRO C 133 -6.08 -14.12 22.76
CA PRO C 133 -4.99 -13.70 23.66
C PRO C 133 -4.49 -14.86 24.51
N ASP C 134 -3.24 -15.28 24.30
CA ASP C 134 -2.57 -16.24 25.15
C ASP C 134 -1.07 -16.01 25.01
N ALA C 135 -0.25 -16.88 25.62
CA ALA C 135 1.20 -16.67 25.63
C ALA C 135 1.83 -16.67 24.24
N ARG C 136 1.13 -17.13 23.21
CA ARG C 136 1.67 -17.10 21.86
C ARG C 136 1.95 -15.67 21.39
N ILE C 137 1.18 -14.69 21.88
CA ILE C 137 1.38 -13.33 21.39
C ILE C 137 2.74 -12.78 21.79
N TYR C 138 3.37 -13.35 22.82
CA TYR C 138 4.69 -12.90 23.25
C TYR C 138 5.80 -13.41 22.36
N ARG C 139 5.48 -14.22 21.35
CA ARG C 139 6.50 -14.79 20.48
C ARG C 139 6.54 -14.12 19.10
N PHE C 140 5.65 -13.19 18.82
CA PHE C 140 5.72 -12.46 17.55
C PHE C 140 6.92 -11.51 17.56
N PRO C 141 7.58 -11.32 16.43
CA PRO C 141 8.79 -10.48 16.43
C PRO C 141 8.45 -9.00 16.39
N ALA C 142 9.34 -8.20 16.99
CA ALA C 142 9.24 -6.75 16.93
C ALA C 142 9.61 -6.19 15.56
N PHE C 143 10.43 -6.91 14.79
CA PHE C 143 11.02 -6.38 13.57
C PHE C 143 11.35 -7.56 12.68
N THR C 144 11.11 -7.42 11.37
CA THR C 144 11.32 -8.53 10.44
C THR C 144 12.28 -8.14 9.32
N ALA C 145 12.78 -9.16 8.63
N ALA C 145 12.81 -9.18 8.65
CA ALA C 145 13.66 -8.96 7.49
CA ALA C 145 13.73 -8.97 7.54
C ALA C 145 12.99 -8.20 6.34
C ALA C 145 13.00 -8.54 6.27
N GLN C 146 11.65 -8.10 6.37
N GLN C 146 11.83 -9.14 6.01
CA GLN C 146 10.94 -7.29 5.38
CA GLN C 146 11.01 -8.79 4.87
C GLN C 146 10.69 -5.87 5.86
C GLN C 146 9.61 -8.47 5.36
N GLY C 147 10.73 -5.64 7.16
N GLY C 147 8.90 -7.64 4.60
CA GLY C 147 10.45 -4.33 7.72
CA GLY C 147 7.62 -7.19 5.09
C GLY C 147 9.56 -4.40 8.95
C GLY C 147 7.81 -6.39 6.38
N GLU C 148 8.57 -3.53 9.05
N GLU C 148 6.71 -6.22 7.10
CA GLU C 148 7.74 -3.50 10.25
CA GLU C 148 6.71 -5.47 8.35
C GLU C 148 6.94 -4.79 10.37
C GLU C 148 6.18 -6.34 9.48
N SER C 149 6.75 -5.24 11.61
N SER C 149 6.72 -6.10 10.67
CA SER C 149 6.16 -6.55 11.89
CA SER C 149 6.20 -6.70 11.89
C SER C 149 4.64 -6.45 11.95
C SER C 149 4.70 -6.48 12.00
N LEU C 150 3.98 -7.59 12.12
CA LEU C 150 2.51 -7.56 12.18
C LEU C 150 1.99 -6.87 13.43
N VAL C 151 2.60 -7.09 14.59
CA VAL C 151 1.91 -6.71 15.82
C VAL C 151 2.76 -5.83 16.73
N TRP C 152 3.73 -5.11 16.16
CA TRP C 152 4.42 -4.11 16.96
C TRP C 152 3.45 -3.09 17.53
N HIS C 153 2.30 -2.89 16.87
CA HIS C 153 1.31 -1.97 17.40
C HIS C 153 0.76 -2.42 18.76
N PHE C 154 0.87 -3.72 19.10
CA PHE C 154 0.47 -4.14 20.46
C PHE C 154 1.20 -3.30 21.51
N SER C 155 2.52 -3.16 21.35
CA SER C 155 3.30 -2.41 22.34
C SER C 155 2.99 -0.92 22.27
N PHE C 156 2.87 -0.37 21.06
CA PHE C 156 2.54 1.03 20.88
C PHE C 156 1.24 1.38 21.58
N PHE C 157 0.19 0.59 21.31
CA PHE C 157 -1.13 0.87 21.84
C PHE C 157 -1.20 0.63 23.34
N ALA C 158 -0.44 -0.35 23.85
CA ALA C 158 -0.47 -0.66 25.27
C ALA C 158 0.41 0.26 26.12
N ALA C 159 1.28 1.07 25.51
CA ALA C 159 2.26 1.86 26.24
C ALA C 159 1.58 2.82 27.22
N ASP C 160 2.24 3.06 28.36
CA ASP C 160 1.70 3.92 29.41
CA ASP C 160 1.62 3.91 29.37
C ASP C 160 1.74 5.39 28.97
N ASP C 161 1.32 6.27 29.88
CA ASP C 161 1.31 7.71 29.66
C ASP C 161 0.47 8.13 28.46
N ARG C 162 -0.51 7.30 28.06
CA ARG C 162 -1.37 7.59 26.92
C ARG C 162 -0.54 7.92 25.68
N LEU C 163 0.54 7.16 25.48
CA LEU C 163 1.47 7.47 24.39
C LEU C 163 0.76 7.54 23.05
N ALA C 164 -0.04 6.51 22.72
CA ALA C 164 -0.63 6.44 21.38
C ALA C 164 -1.67 7.54 21.17
N GLU C 165 -2.57 7.74 22.14
CA GLU C 165 -3.58 8.81 22.00
C GLU C 165 -2.91 10.17 21.87
N THR C 166 -1.84 10.39 22.62
CA THR C 166 -1.18 11.69 22.59
C THR C 166 -0.51 11.93 21.24
N LEU C 167 0.04 10.88 20.63
CA LEU C 167 0.71 11.05 19.35
C LEU C 167 -0.29 11.14 18.20
N ILE C 168 -1.38 10.38 18.29
CA ILE C 168 -2.30 10.25 17.16
C ILE C 168 -3.37 11.34 17.16
N ALA C 169 -3.60 12.01 18.30
CA ALA C 169 -4.57 13.09 18.35
C ALA C 169 -4.22 14.17 17.33
N GLY C 170 -5.22 14.61 16.57
CA GLY C 170 -5.01 15.56 15.48
C GLY C 170 -4.44 14.95 14.20
N LYS C 171 -4.10 13.66 14.21
CA LYS C 171 -3.57 12.97 13.04
C LYS C 171 -4.30 11.64 12.81
N GLU C 172 -5.56 11.57 13.23
CA GLU C 172 -6.26 10.29 13.23
C GLU C 172 -6.48 9.78 11.82
N ARG C 173 -6.77 10.69 10.89
CA ARG C 173 -7.05 10.27 9.51
C ARG C 173 -5.79 9.78 8.83
N PHE C 174 -4.67 10.46 9.08
CA PHE C 174 -3.38 9.99 8.58
C PHE C 174 -3.01 8.63 9.15
N PHE C 175 -3.11 8.48 10.48
CA PHE C 175 -2.68 7.23 11.09
C PHE C 175 -3.52 6.06 10.62
N LEU C 176 -4.84 6.22 10.57
CA LEU C 176 -5.69 5.09 10.24
C LEU C 176 -5.43 4.62 8.81
N GLU C 177 -5.21 5.55 7.87
CA GLU C 177 -4.90 5.13 6.51
C GLU C 177 -3.61 4.31 6.49
N HIS C 178 -2.59 4.78 7.21
CA HIS C 178 -1.34 4.02 7.25
C HIS C 178 -1.55 2.65 7.88
N PHE C 179 -2.22 2.62 9.04
CA PHE C 179 -2.42 1.35 9.73
C PHE C 179 -3.18 0.36 8.87
N ILE C 180 -4.29 0.80 8.27
CA ILE C 180 -5.09 -0.10 7.45
C ILE C 180 -4.28 -0.57 6.24
N LYS C 181 -3.70 0.37 5.50
CA LYS C 181 -3.04 -0.03 4.25
C LYS C 181 -1.78 -0.86 4.53
N SER C 182 -1.08 -0.57 5.62
CA SER C 182 0.12 -1.35 5.94
C SER C 182 -0.22 -2.78 6.32
N HIS C 183 -1.48 -3.05 6.66
CA HIS C 183 -1.91 -4.41 6.99
C HIS C 183 -2.77 -5.02 5.89
N ALA C 184 -2.74 -4.45 4.69
CA ALA C 184 -3.58 -4.93 3.60
C ALA C 184 -2.71 -5.48 2.48
N SER C 185 -3.29 -6.42 1.73
CA SER C 185 -2.76 -6.86 0.45
C SER C 185 -3.43 -6.13 -0.72
N ASN C 186 -4.76 -6.06 -0.71
CA ASN C 186 -5.55 -5.37 -1.72
CA ASN C 186 -5.54 -5.35 -1.73
C ASN C 186 -5.87 -3.97 -1.19
N THR C 187 -4.87 -3.06 -1.28
CA THR C 187 -5.06 -1.74 -0.70
C THR C 187 -6.05 -0.89 -1.47
N GLU C 188 -6.36 -1.25 -2.73
CA GLU C 188 -7.17 -0.40 -3.59
C GLU C 188 -8.60 -0.24 -3.09
N VAL C 189 -9.08 -1.15 -2.24
CA VAL C 189 -10.46 -1.05 -1.77
C VAL C 189 -10.63 0.04 -0.73
N PHE C 190 -9.54 0.56 -0.18
CA PHE C 190 -9.63 1.58 0.86
C PHE C 190 -9.55 2.95 0.21
N SER C 191 -10.67 3.33 -0.40
CA SER C 191 -10.81 4.64 -1.01
C SER C 191 -10.73 5.72 0.05
N GLU C 192 -10.40 6.93 -0.41
CA GLU C 192 -10.35 8.06 0.51
C GLU C 192 -11.69 8.27 1.18
N ARG C 193 -12.78 8.04 0.44
CA ARG C 193 -14.14 8.19 0.99
C ARG C 193 -14.38 7.22 2.15
N LEU C 194 -14.03 5.93 1.97
CA LEU C 194 -14.20 4.97 3.06
C LEU C 194 -13.29 5.30 4.24
N LEU C 195 -12.04 5.67 3.96
CA LEU C 195 -11.13 6.01 5.05
C LEU C 195 -11.64 7.21 5.84
N ASP C 196 -12.23 8.19 5.15
CA ASP C 196 -12.83 9.32 5.84
C ASP C 196 -13.90 8.86 6.83
N LEU C 197 -14.75 7.91 6.40
CA LEU C 197 -15.83 7.45 7.27
C LEU C 197 -15.28 6.79 8.53
N TYR C 198 -14.32 5.88 8.36
CA TYR C 198 -13.75 5.22 9.52
C TYR C 198 -13.00 6.21 10.42
N ALA C 199 -12.26 7.14 9.84
CA ALA C 199 -11.45 8.03 10.66
C ALA C 199 -12.33 8.95 11.51
N ARG C 200 -13.45 9.43 10.94
CA ARG C 200 -14.29 10.33 11.71
C ARG C 200 -14.87 9.64 12.94
N SER C 201 -15.16 8.34 12.83
CA SER C 201 -15.70 7.61 13.97
C SER C 201 -14.64 7.39 15.05
N TYR C 202 -13.47 6.90 14.68
N TYR C 202 -13.47 6.95 14.61
CA TYR C 202 -12.53 6.62 15.76
CA TYR C 202 -12.35 6.60 15.48
C TYR C 202 -11.79 7.87 16.24
C TYR C 202 -11.73 7.82 16.14
N ALA C 203 -11.90 9.00 15.53
CA ALA C 203 -11.31 10.22 16.03
C ALA C 203 -12.10 10.88 17.15
N LYS C 204 -13.34 10.42 17.43
CA LYS C 204 -14.03 10.89 18.63
C LYS C 204 -13.15 10.63 19.85
N PRO C 205 -12.93 11.62 20.71
CA PRO C 205 -11.90 11.45 21.75
C PRO C 205 -12.09 10.24 22.64
N HIS C 206 -13.32 9.98 23.11
CA HIS C 206 -13.53 8.76 23.88
C HIS C 206 -13.34 7.51 23.04
N SER C 207 -13.53 7.58 21.73
CA SER C 207 -13.33 6.40 20.89
C SER C 207 -11.86 6.13 20.65
N LEU C 208 -11.06 7.18 20.45
CA LEU C 208 -9.62 6.98 20.30
C LEU C 208 -9.06 6.34 21.56
N ASN C 209 -9.47 6.84 22.73
CA ASN C 209 -8.99 6.26 23.99
C ASN C 209 -9.50 4.84 24.18
N ALA C 210 -10.79 4.60 23.91
CA ALA C 210 -11.34 3.25 24.02
C ALA C 210 -10.56 2.27 23.15
N SER C 211 -10.23 2.68 21.93
CA SER C 211 -9.48 1.81 21.01
C SER C 211 -8.23 1.24 21.68
N PHE C 212 -7.46 2.08 22.36
CA PHE C 212 -6.21 1.62 22.95
C PHE C 212 -6.42 0.93 24.30
N GLU C 213 -7.54 1.18 24.98
CA GLU C 213 -7.77 0.50 26.25
C GLU C 213 -7.91 -1.01 26.04
N TYR C 214 -8.40 -1.45 24.87
CA TYR C 214 -8.45 -2.89 24.59
C TYR C 214 -7.05 -3.50 24.61
N TYR C 215 -6.06 -2.75 24.12
CA TYR C 215 -4.69 -3.24 24.12
C TYR C 215 -4.04 -3.11 25.49
N ARG C 216 -4.39 -2.08 26.24
CA ARG C 216 -3.90 -1.95 27.61
C ARG C 216 -4.44 -3.06 28.50
N ALA C 217 -5.55 -3.68 28.14
CA ALA C 217 -6.08 -4.79 28.90
C ALA C 217 -5.65 -6.14 28.35
N LEU C 218 -4.80 -6.17 27.31
CA LEU C 218 -4.50 -7.42 26.64
C LEU C 218 -3.77 -8.41 27.57
N ASN C 219 -2.83 -7.94 28.39
CA ASN C 219 -2.14 -8.87 29.29
C ASN C 219 -3.09 -9.42 30.35
N GLU C 220 -4.05 -8.61 30.82
CA GLU C 220 -5.09 -9.14 31.69
C GLU C 220 -5.92 -10.20 30.96
N SER C 221 -6.26 -9.95 29.69
CA SER C 221 -7.03 -10.92 28.92
C SER C 221 -6.27 -12.23 28.77
N VAL C 222 -4.96 -12.15 28.54
CA VAL C 222 -4.14 -13.36 28.48
C VAL C 222 -4.24 -14.13 29.78
N ARG C 223 -4.11 -13.43 30.92
CA ARG C 223 -4.18 -14.14 32.19
C ARG C 223 -5.57 -14.75 32.40
N GLN C 224 -6.62 -14.06 31.96
CA GLN C 224 -7.97 -14.61 32.06
C GLN C 224 -8.09 -15.90 31.24
N ASN C 225 -7.60 -15.87 30.00
CA ASN C 225 -7.79 -17.00 29.09
C ASN C 225 -6.98 -18.22 29.53
N ALA C 226 -5.86 -18.01 30.23
CA ALA C 226 -5.07 -19.14 30.72
C ALA C 226 -5.91 -20.07 31.59
N GLU C 227 -6.83 -19.52 32.38
CA GLU C 227 -7.73 -20.35 33.17
C GLU C 227 -8.95 -20.82 32.38
N LEU C 228 -9.46 -19.99 31.46
CA LEU C 228 -10.63 -20.39 30.67
C LEU C 228 -10.30 -21.50 29.68
N ALA C 229 -9.08 -21.52 29.14
CA ALA C 229 -8.74 -22.45 28.06
C ALA C 229 -8.56 -23.89 28.55
N LYS C 230 -8.71 -24.17 29.84
CA LYS C 230 -8.69 -25.55 30.29
C LYS C 230 -9.88 -26.35 29.80
N THR C 231 -10.84 -25.72 29.12
CA THR C 231 -11.95 -26.41 28.47
C THR C 231 -11.97 -26.04 26.99
N ARG C 232 -11.91 -27.04 26.11
CA ARG C 232 -11.95 -26.80 24.68
C ARG C 232 -13.36 -26.49 24.20
N LEU C 233 -13.46 -25.76 23.09
CA LEU C 233 -14.75 -25.46 22.48
C LEU C 233 -15.26 -26.67 21.72
N GLN C 234 -16.57 -26.94 21.84
CA GLN C 234 -17.17 -28.14 21.27
C GLN C 234 -18.05 -27.87 20.05
N MET C 235 -18.37 -26.63 19.76
CA MET C 235 -19.25 -26.36 18.63
C MET C 235 -18.42 -26.23 17.36
N PRO C 236 -19.05 -26.38 16.18
CA PRO C 236 -18.30 -26.24 14.94
C PRO C 236 -17.73 -24.82 14.81
N THR C 237 -16.48 -24.75 14.41
CA THR C 237 -15.77 -23.49 14.28
CA THR C 237 -15.79 -23.48 14.26
C THR C 237 -15.06 -23.44 12.92
N MET C 238 -14.95 -22.24 12.38
CA MET C 238 -14.18 -21.99 11.17
C MET C 238 -13.25 -20.82 11.44
N THR C 239 -11.99 -20.92 11.00
CA THR C 239 -11.07 -19.79 11.04
C THR C 239 -10.77 -19.34 9.62
N LEU C 240 -10.67 -18.02 9.44
CA LEU C 240 -10.23 -17.43 8.19
C LEU C 240 -9.02 -16.54 8.44
N ALA C 241 -8.09 -16.53 7.50
CA ALA C 241 -6.92 -15.67 7.59
C ALA C 241 -6.49 -15.27 6.19
N GLY C 242 -5.90 -14.08 6.08
CA GLY C 242 -5.31 -13.68 4.82
C GLY C 242 -3.96 -14.34 4.62
N GLY C 243 -3.67 -14.65 3.36
CA GLY C 243 -2.38 -15.23 2.98
C GLY C 243 -1.41 -14.20 2.47
N GLY C 244 -1.91 -12.99 2.22
CA GLY C 244 -1.10 -11.92 1.67
C GLY C 244 -0.53 -11.01 2.75
N HIS C 245 -0.02 -9.87 2.29
CA HIS C 245 0.60 -8.89 3.19
C HIS C 245 -0.39 -8.46 4.26
N GLY C 246 0.01 -8.61 5.54
CA GLY C 246 -0.88 -8.31 6.64
C GLY C 246 -1.69 -9.48 7.17
N GLY C 247 -1.63 -10.64 6.52
CA GLY C 247 -2.45 -11.77 6.93
C GLY C 247 -1.75 -12.62 7.99
N MET C 248 -2.56 -13.31 8.81
CA MET C 248 -2.03 -14.21 9.83
C MET C 248 -1.53 -15.53 9.27
N GLY C 249 -1.89 -15.87 8.04
CA GLY C 249 -1.40 -17.11 7.44
C GLY C 249 -1.88 -18.31 8.21
N THR C 250 -1.00 -19.30 8.35
CA THR C 250 -1.38 -20.55 9.00
C THR C 250 -1.53 -20.41 10.51
N PHE C 251 -1.11 -19.29 11.09
CA PHE C 251 -1.16 -19.17 12.55
C PHE C 251 -2.59 -19.28 13.06
N GLN C 252 -3.54 -18.68 12.33
CA GLN C 252 -4.93 -18.63 12.80
C GLN C 252 -5.46 -20.02 13.09
N LEU C 253 -5.37 -20.92 12.11
CA LEU C 253 -5.89 -22.26 12.32
C LEU C 253 -5.07 -23.05 13.33
N GLU C 254 -3.74 -22.94 13.26
CA GLU C 254 -2.90 -23.74 14.16
C GLU C 254 -3.14 -23.38 15.63
N GLN C 255 -3.40 -22.10 15.92
CA GLN C 255 -3.75 -21.73 17.29
C GLN C 255 -5.12 -22.28 17.66
N MET C 256 -6.10 -22.14 16.76
CA MET C 256 -7.46 -22.57 17.07
C MET C 256 -7.55 -24.07 17.34
N LYS C 257 -6.65 -24.86 16.77
CA LYS C 257 -6.66 -26.30 17.03
C LYS C 257 -6.41 -26.61 18.51
N ALA C 258 -5.67 -25.74 19.20
CA ALA C 258 -5.48 -25.93 20.64
C ALA C 258 -6.72 -25.55 21.44
N TYR C 259 -7.65 -24.79 20.85
CA TYR C 259 -8.83 -24.31 21.56
C TYR C 259 -10.12 -25.03 21.18
N ALA C 260 -10.19 -25.67 20.03
CA ALA C 260 -11.45 -26.18 19.50
C ALA C 260 -11.31 -27.62 19.07
N GLU C 261 -12.37 -28.42 19.30
CA GLU C 261 -12.35 -29.80 18.87
C GLU C 261 -12.70 -29.95 17.40
N ASP C 262 -13.50 -29.04 16.86
CA ASP C 262 -14.10 -29.16 15.53
C ASP C 262 -13.83 -27.86 14.79
N VAL C 263 -12.76 -27.82 13.99
CA VAL C 263 -12.31 -26.57 13.40
C VAL C 263 -11.86 -26.80 11.96
N GLU C 264 -12.37 -25.99 11.05
CA GLU C 264 -11.88 -25.95 9.68
C GLU C 264 -11.28 -24.57 9.43
N GLY C 265 -10.16 -24.52 8.71
CA GLY C 265 -9.45 -23.28 8.48
C GLY C 265 -9.27 -23.02 6.99
N HIS C 266 -9.26 -21.74 6.63
CA HIS C 266 -8.93 -21.31 5.28
C HIS C 266 -7.99 -20.13 5.31
N VAL C 267 -7.01 -20.15 4.41
CA VAL C 267 -6.12 -19.02 4.16
C VAL C 267 -6.47 -18.49 2.77
N LEU C 268 -6.81 -17.19 2.70
CA LEU C 268 -7.26 -16.60 1.45
C LEU C 268 -6.10 -15.89 0.75
N PRO C 269 -5.65 -16.38 -0.40
CA PRO C 269 -4.50 -15.74 -1.07
C PRO C 269 -4.82 -14.34 -1.56
N GLY C 270 -3.79 -13.49 -1.57
CA GLY C 270 -3.96 -12.11 -2.01
C GLY C 270 -4.81 -11.25 -1.10
N CYS C 271 -5.03 -11.68 0.13
CA CYS C 271 -5.82 -10.93 1.11
C CYS C 271 -4.96 -10.74 2.35
N GLY C 272 -5.02 -9.53 2.92
CA GLY C 272 -4.31 -9.26 4.15
C GLY C 272 -5.20 -9.32 5.38
N HIS C 273 -5.22 -8.25 6.16
CA HIS C 273 -5.95 -8.29 7.43
C HIS C 273 -7.45 -8.08 7.25
N TRP C 274 -7.85 -7.25 6.29
CA TRP C 274 -9.20 -6.69 6.26
C TRP C 274 -10.08 -7.50 5.31
N LEU C 275 -10.33 -8.76 5.70
CA LEU C 275 -10.96 -9.71 4.79
C LEU C 275 -12.32 -9.25 4.26
N PRO C 276 -13.23 -8.70 5.07
CA PRO C 276 -14.54 -8.31 4.54
C PRO C 276 -14.48 -7.33 3.39
N GLU C 277 -13.47 -6.46 3.36
CA GLU C 277 -13.31 -5.45 2.31
C GLU C 277 -12.35 -5.88 1.22
N GLU C 278 -11.21 -6.48 1.58
CA GLU C 278 -10.22 -6.85 0.58
C GLU C 278 -10.67 -8.02 -0.25
N CYS C 279 -11.41 -8.96 0.35
CA CYS C 279 -11.74 -10.21 -0.31
C CYS C 279 -13.20 -10.58 -0.01
N ALA C 280 -14.09 -9.66 -0.36
CA ALA C 280 -15.51 -9.78 -0.02
C ALA C 280 -16.14 -11.04 -0.63
N ALA C 281 -15.95 -11.26 -1.93
CA ALA C 281 -16.64 -12.39 -2.55
C ALA C 281 -16.23 -13.73 -1.93
N PRO C 282 -14.96 -14.11 -1.85
CA PRO C 282 -14.66 -15.42 -1.24
C PRO C 282 -14.90 -15.46 0.26
N MET C 283 -14.70 -14.36 0.99
CA MET C 283 -14.98 -14.41 2.42
C MET C 283 -16.46 -14.57 2.69
N ASN C 284 -17.30 -13.80 1.98
CA ASN C 284 -18.74 -13.91 2.18
C ASN C 284 -19.24 -15.32 1.84
N ARG C 285 -18.74 -15.90 0.75
CA ARG C 285 -19.15 -17.25 0.38
C ARG C 285 -18.77 -18.25 1.46
N LEU C 286 -17.56 -18.15 2.01
CA LEU C 286 -17.14 -19.10 3.03
C LEU C 286 -18.01 -18.99 4.28
N VAL C 287 -18.30 -17.77 4.71
CA VAL C 287 -19.06 -17.56 5.94
C VAL C 287 -20.51 -18.02 5.75
N ILE C 288 -21.12 -17.64 4.62
CA ILE C 288 -22.50 -18.03 4.38
C ILE C 288 -22.63 -19.54 4.29
N ASP C 289 -21.71 -20.19 3.56
CA ASP C 289 -21.77 -21.64 3.43
C ASP C 289 -21.58 -22.34 4.78
N PHE C 290 -20.66 -21.84 5.60
CA PHE C 290 -20.39 -22.49 6.88
C PHE C 290 -21.59 -22.36 7.81
N LEU C 291 -22.19 -21.18 7.89
CA LEU C 291 -23.35 -20.99 8.76
C LEU C 291 -24.60 -21.67 8.23
N SER C 292 -24.70 -21.88 6.91
CA SER C 292 -25.88 -22.49 6.33
C SER C 292 -25.88 -24.00 6.39
N ARG C 293 -24.82 -24.63 6.90
CA ARG C 293 -24.81 -26.09 7.04
C ARG C 293 -25.85 -26.57 8.04
N ALA D 1 25.97 29.90 18.46
CA ALA D 1 24.84 29.18 19.05
C ALA D 1 25.13 27.68 19.14
N GLU D 2 25.43 27.21 20.34
CA GLU D 2 25.64 25.79 20.59
C GLU D 2 24.37 25.16 21.15
N GLU D 3 24.09 23.93 20.72
CA GLU D 3 22.91 23.23 21.25
C GLU D 3 23.14 22.73 22.66
N PHE D 4 24.38 22.45 23.02
CA PHE D 4 24.73 21.90 24.33
C PHE D 4 25.97 22.59 24.88
N PRO D 5 26.08 22.70 26.21
CA PRO D 5 27.25 23.37 26.81
C PRO D 5 28.52 22.56 26.60
N VAL D 6 29.56 23.24 26.15
CA VAL D 6 30.86 22.63 25.88
C VAL D 6 31.67 22.62 27.17
N PRO D 7 32.24 21.49 27.58
CA PRO D 7 33.08 21.49 28.79
C PRO D 7 34.30 22.39 28.63
N ASN D 8 34.77 22.94 29.75
CA ASN D 8 35.94 23.81 29.74
C ASN D 8 37.14 23.08 29.16
N GLY D 9 37.91 23.78 28.33
CA GLY D 9 39.05 23.17 27.68
C GLY D 9 38.73 22.43 26.40
N PHE D 10 37.46 22.28 26.04
CA PHE D 10 37.09 21.65 24.80
C PHE D 10 36.67 22.70 23.78
N GLU D 11 36.77 22.33 22.50
CA GLU D 11 36.35 23.19 21.40
C GLU D 11 35.26 22.51 20.60
N SER D 12 34.30 23.31 20.15
CA SER D 12 33.28 22.87 19.20
C SER D 12 33.68 23.35 17.81
N ALA D 13 33.71 22.44 16.84
CA ALA D 13 34.28 22.75 15.54
C ALA D 13 33.57 21.92 14.47
N TYR D 14 33.93 22.17 13.21
CA TYR D 14 33.32 21.46 12.09
C TYR D 14 34.41 21.04 11.11
N ARG D 15 34.20 19.91 10.46
CA ARG D 15 35.08 19.46 9.38
C ARG D 15 34.23 18.92 8.25
N GLU D 16 34.62 19.26 7.03
CA GLU D 16 34.02 18.72 5.83
C GLU D 16 34.58 17.33 5.57
N VAL D 17 33.72 16.32 5.44
CA VAL D 17 34.14 14.97 5.08
C VAL D 17 33.26 14.51 3.93
N ASP D 18 33.88 14.25 2.77
CA ASP D 18 33.14 13.80 1.59
C ASP D 18 31.94 14.71 1.31
N GLY D 19 32.17 16.02 1.41
CA GLY D 19 31.13 17.00 1.15
C GLY D 19 30.10 17.19 2.23
N VAL D 20 30.24 16.55 3.39
CA VAL D 20 29.27 16.65 4.48
C VAL D 20 29.96 17.34 5.64
N LYS D 21 29.32 18.39 6.17
CA LYS D 21 29.92 19.19 7.23
C LYS D 21 29.54 18.58 8.58
N LEU D 22 30.52 17.99 9.26
CA LEU D 22 30.29 17.31 10.52
C LEU D 22 30.69 18.19 11.71
N HIS D 23 29.84 18.21 12.72
CA HIS D 23 30.13 18.89 13.97
C HIS D 23 30.77 17.91 14.94
N TYR D 24 31.66 18.42 15.78
CA TYR D 24 32.29 17.60 16.81
C TYR D 24 32.76 18.50 17.94
N VAL D 25 33.02 17.88 19.09
CA VAL D 25 33.64 18.53 20.23
C VAL D 25 34.93 17.79 20.54
N LYS D 26 36.03 18.52 20.70
CA LYS D 26 37.36 17.93 20.79
C LYS D 26 38.15 18.55 21.94
N GLY D 27 38.89 17.71 22.67
CA GLY D 27 39.79 18.22 23.69
C GLY D 27 40.83 17.17 24.02
N GLY D 28 41.80 17.59 24.84
CA GLY D 28 42.80 16.66 25.35
C GLY D 28 44.05 16.58 24.48
N GLN D 29 44.95 15.71 24.92
CA GLN D 29 46.21 15.48 24.23
C GLN D 29 46.56 14.00 24.35
N GLY D 30 47.22 13.47 23.33
CA GLY D 30 47.61 12.08 23.31
C GLY D 30 46.91 11.33 22.19
N PRO D 31 46.94 10.00 22.26
CA PRO D 31 46.27 9.18 21.24
C PRO D 31 44.78 9.47 21.21
N LEU D 32 44.17 9.24 20.05
CA LEU D 32 42.80 9.66 19.79
C LEU D 32 41.81 8.61 20.28
N VAL D 33 40.75 9.08 20.94
CA VAL D 33 39.56 8.27 21.23
C VAL D 33 38.38 9.00 20.61
N MET D 34 37.64 8.30 19.77
CA MET D 34 36.39 8.82 19.19
C MET D 34 35.22 8.20 19.93
N LEU D 35 34.29 9.06 20.36
CA LEU D 35 33.08 8.64 21.08
C LEU D 35 31.87 8.92 20.20
N VAL D 36 31.05 7.90 19.95
CA VAL D 36 29.97 8.02 18.99
C VAL D 36 28.63 7.74 19.67
N HIS D 37 27.75 8.75 19.70
CA HIS D 37 26.49 8.70 20.42
C HIS D 37 25.43 7.91 19.64
N GLY D 38 24.24 7.79 20.23
CA GLY D 38 23.13 7.08 19.61
C GLY D 38 21.85 7.88 19.43
N PHE D 39 20.75 7.17 19.22
CA PHE D 39 19.46 7.80 18.95
C PHE D 39 18.97 8.61 20.14
N GLY D 40 18.30 9.72 19.83
CA GLY D 40 17.75 10.61 20.83
C GLY D 40 18.75 11.54 21.48
N GLN D 41 20.03 11.42 21.14
CA GLN D 41 21.08 12.13 21.84
C GLN D 41 22.04 12.71 20.81
N THR D 42 23.12 13.29 21.32
CA THR D 42 24.14 13.95 20.54
C THR D 42 25.48 13.69 21.21
N TRP D 43 26.51 14.39 20.74
CA TRP D 43 27.82 14.34 21.39
C TRP D 43 27.70 14.55 22.89
N TYR D 44 26.68 15.28 23.33
CA TYR D 44 26.59 15.70 24.73
C TYR D 44 26.41 14.52 25.68
N GLU D 45 25.97 13.36 25.21
CA GLU D 45 25.84 12.25 26.16
C GLU D 45 27.20 11.84 26.74
N TRP D 46 28.29 12.22 26.08
CA TRP D 46 29.63 11.93 26.56
C TRP D 46 30.24 13.04 27.43
N HIS D 47 29.49 14.09 27.79
CA HIS D 47 30.12 15.27 28.35
C HIS D 47 30.70 15.04 29.74
N GLN D 48 30.27 14.00 30.45
CA GLN D 48 30.88 13.68 31.74
C GLN D 48 32.15 12.85 31.55
N LEU D 49 32.14 11.95 30.57
CA LEU D 49 33.30 11.10 30.31
C LEU D 49 34.45 11.91 29.71
N MET D 50 34.12 12.90 28.86
CA MET D 50 35.16 13.58 28.08
C MET D 50 36.24 14.26 28.91
N PRO D 51 35.92 15.08 29.93
CA PRO D 51 37.02 15.70 30.70
C PRO D 51 37.92 14.68 31.39
N GLU D 52 37.39 13.54 31.83
CA GLU D 52 38.20 12.52 32.47
C GLU D 52 39.12 11.83 31.46
N LEU D 53 38.58 11.46 30.29
CA LEU D 53 39.39 10.82 29.25
C LEU D 53 40.46 11.77 28.72
N ALA D 54 40.14 13.05 28.63
CA ALA D 54 41.08 14.02 28.07
C ALA D 54 42.33 14.20 28.92
N LYS D 55 42.36 13.65 30.14
CA LYS D 55 43.58 13.68 30.94
C LYS D 55 44.68 12.83 30.31
N ARG D 56 44.31 11.82 29.51
CA ARG D 56 45.27 10.89 28.93
C ARG D 56 45.16 10.74 27.41
N PHE D 57 44.10 11.26 26.79
CA PHE D 57 43.83 11.03 25.38
C PHE D 57 43.38 12.32 24.72
N THR D 58 43.53 12.39 23.40
CA THR D 58 42.74 13.34 22.62
C THR D 58 41.36 12.73 22.44
N VAL D 59 40.32 13.50 22.74
CA VAL D 59 38.96 12.99 22.72
C VAL D 59 38.19 13.75 21.67
N ILE D 60 37.53 13.04 20.76
CA ILE D 60 36.64 13.66 19.80
C ILE D 60 35.26 13.00 19.86
N ALA D 61 34.22 13.82 19.97
CA ALA D 61 32.83 13.35 20.04
C ALA D 61 32.03 14.00 18.92
N PRO D 62 31.79 13.31 17.81
CA PRO D 62 31.03 13.90 16.71
C PRO D 62 29.52 13.73 16.89
N ASP D 63 28.77 14.60 16.22
CA ASP D 63 27.35 14.38 16.01
C ASP D 63 27.18 13.53 14.77
N LEU D 64 26.36 12.48 14.86
CA LEU D 64 26.08 11.64 13.72
C LEU D 64 25.48 12.49 12.59
N PRO D 65 25.73 12.13 11.34
CA PRO D 65 25.17 12.90 10.21
C PRO D 65 23.67 13.13 10.37
N GLY D 66 23.25 14.39 10.20
CA GLY D 66 21.87 14.77 10.33
C GLY D 66 21.40 15.03 11.74
N LEU D 67 22.12 14.54 12.75
CA LEU D 67 21.78 14.74 14.14
C LEU D 67 22.67 15.81 14.75
N GLY D 68 22.25 16.32 15.90
CA GLY D 68 22.96 17.43 16.51
C GLY D 68 23.14 18.55 15.51
N GLN D 69 24.38 19.01 15.36
CA GLN D 69 24.69 20.09 14.43
C GLN D 69 25.43 19.59 13.18
N SER D 70 25.37 18.29 12.91
CA SER D 70 25.98 17.71 11.71
C SER D 70 25.01 17.69 10.53
N GLU D 71 25.54 17.98 9.33
CA GLU D 71 24.75 17.93 8.10
C GLU D 71 24.35 16.49 7.79
N PRO D 72 23.21 16.29 7.14
CA PRO D 72 22.81 14.93 6.75
C PRO D 72 23.82 14.33 5.79
N PRO D 73 23.88 13.00 5.73
CA PRO D 73 24.76 12.34 4.76
C PRO D 73 24.29 12.57 3.34
N LYS D 74 25.23 12.54 2.41
CA LYS D 74 24.92 12.69 1.00
C LYS D 74 24.85 11.36 0.28
N THR D 75 25.23 10.27 0.94
CA THR D 75 25.19 8.94 0.35
C THR D 75 23.95 8.21 0.87
N GLY D 76 23.92 7.90 2.15
CA GLY D 76 22.74 7.28 2.73
C GLY D 76 22.98 7.01 4.20
N TYR D 77 22.01 6.33 4.81
CA TYR D 77 22.03 6.10 6.25
C TYR D 77 22.34 4.66 6.65
N SER D 78 22.67 3.79 5.69
CA SER D 78 23.08 2.45 6.10
C SER D 78 24.43 2.53 6.80
N GLY D 79 24.74 1.48 7.55
CA GLY D 79 25.95 1.48 8.37
C GLY D 79 27.21 1.67 7.55
N GLU D 80 27.29 0.99 6.41
CA GLU D 80 28.50 1.08 5.60
C GLU D 80 28.72 2.49 5.07
N GLN D 81 27.62 3.20 4.75
CA GLN D 81 27.76 4.56 4.23
C GLN D 81 28.13 5.55 5.32
N VAL D 82 27.45 5.47 6.47
CA VAL D 82 27.75 6.43 7.53
C VAL D 82 29.15 6.19 8.07
N ALA D 83 29.55 4.92 8.15
CA ALA D 83 30.85 4.58 8.72
C ALA D 83 31.99 5.22 7.94
N VAL D 84 31.81 5.44 6.64
CA VAL D 84 32.84 6.13 5.86
C VAL D 84 33.11 7.52 6.43
N TYR D 85 32.04 8.28 6.72
CA TYR D 85 32.20 9.62 7.25
C TYR D 85 32.95 9.60 8.57
N LEU D 86 32.57 8.70 9.48
CA LEU D 86 33.20 8.66 10.80
C LEU D 86 34.65 8.20 10.72
N HIS D 87 34.93 7.22 9.85
CA HIS D 87 36.31 6.78 9.64
C HIS D 87 37.17 7.92 9.13
N LYS D 88 36.69 8.63 8.11
CA LYS D 88 37.53 9.67 7.52
C LYS D 88 37.70 10.84 8.48
N LEU D 89 36.67 11.16 9.27
CA LEU D 89 36.84 12.17 10.31
C LEU D 89 37.94 11.78 11.29
N ALA D 90 37.89 10.54 11.80
CA ALA D 90 38.92 10.12 12.75
C ALA D 90 40.30 10.17 12.12
N ARG D 91 40.40 9.78 10.84
CA ARG D 91 41.70 9.77 10.18
C ARG D 91 42.26 11.17 10.01
N GLN D 92 41.40 12.19 9.89
CA GLN D 92 41.89 13.56 9.83
C GLN D 92 42.67 13.92 11.09
N PHE D 93 42.30 13.35 12.23
CA PHE D 93 42.91 13.73 13.49
C PHE D 93 43.95 12.73 13.98
N SER D 94 43.92 11.50 13.49
CA SER D 94 44.88 10.47 13.88
C SER D 94 45.40 9.76 12.62
N PRO D 95 46.07 10.47 11.72
CA PRO D 95 46.49 9.84 10.46
C PRO D 95 47.69 8.92 10.61
N ASP D 96 48.43 9.01 11.72
CA ASP D 96 49.68 8.27 11.88
C ASP D 96 49.65 7.20 12.96
N ARG D 97 48.52 6.95 13.60
CA ARG D 97 48.47 5.84 14.56
C ARG D 97 47.02 5.41 14.73
N PRO D 98 46.79 4.17 15.15
CA PRO D 98 45.40 3.72 15.37
C PRO D 98 44.74 4.51 16.48
N PHE D 99 43.42 4.57 16.42
CA PHE D 99 42.63 5.29 17.41
C PHE D 99 41.67 4.33 18.12
N ASP D 100 41.20 4.75 19.30
CA ASP D 100 40.21 3.98 20.03
C ASP D 100 38.80 4.45 19.68
N LEU D 101 37.85 3.54 19.82
CA LEU D 101 36.47 3.83 19.46
C LEU D 101 35.54 3.39 20.59
N VAL D 102 34.64 4.29 20.99
CA VAL D 102 33.60 3.99 21.97
C VAL D 102 32.26 4.38 21.35
N ALA D 103 31.30 3.47 21.38
CA ALA D 103 30.03 3.75 20.72
C ALA D 103 28.86 3.18 21.51
N HIS D 104 27.75 3.91 21.46
CA HIS D 104 26.52 3.60 22.15
C HIS D 104 25.36 3.53 21.16
N ASP D 105 24.51 2.51 21.32
CA ASP D 105 23.23 2.41 20.57
CA ASP D 105 23.23 2.41 20.58
C ASP D 105 23.54 2.42 19.07
N ILE D 106 22.92 3.28 18.27
CA ILE D 106 23.15 3.24 16.82
C ILE D 106 24.53 3.73 16.41
N GLY D 107 25.28 4.34 17.33
CA GLY D 107 26.70 4.54 17.10
C GLY D 107 27.41 3.25 16.74
N ILE D 108 26.93 2.12 17.29
CA ILE D 108 27.48 0.81 16.91
C ILE D 108 27.18 0.51 15.44
N TRP D 109 25.92 0.70 15.04
CA TRP D 109 25.52 0.43 13.66
C TRP D 109 26.38 1.22 12.70
N ASN D 110 26.70 2.45 13.06
CA ASN D 110 27.36 3.38 12.17
C ASN D 110 28.87 3.34 12.27
N THR D 111 29.42 2.44 13.07
CA THR D 111 30.88 2.28 13.14
C THR D 111 31.36 0.87 12.87
N TYR D 112 30.55 -0.16 13.12
CA TYR D 112 31.06 -1.52 12.94
C TYR D 112 31.65 -1.77 11.54
N PRO D 113 31.02 -1.37 10.43
CA PRO D 113 31.65 -1.64 9.13
C PRO D 113 33.03 -1.01 8.99
N MET D 114 33.21 0.21 9.50
CA MET D 114 34.52 0.84 9.45
C MET D 114 35.56 0.09 10.29
N VAL D 115 35.12 -0.46 11.42
CA VAL D 115 36.04 -1.19 12.28
C VAL D 115 36.48 -2.48 11.62
N VAL D 116 35.53 -3.22 11.04
CA VAL D 116 35.89 -4.54 10.52
C VAL D 116 36.68 -4.39 9.22
N LYS D 117 36.47 -3.31 8.47
CA LYS D 117 37.19 -3.13 7.22
C LYS D 117 38.53 -2.43 7.38
N ASN D 118 38.78 -1.78 8.52
CA ASN D 118 40.01 -1.02 8.73
C ASN D 118 40.61 -1.37 10.09
N GLN D 119 40.86 -2.66 10.30
CA GLN D 119 41.19 -3.12 11.65
C GLN D 119 42.52 -2.54 12.14
N ALA D 120 43.48 -2.34 11.23
CA ALA D 120 44.76 -1.75 11.62
C ALA D 120 44.63 -0.31 12.09
N ASP D 121 43.50 0.34 11.80
CA ASP D 121 43.26 1.72 12.23
C ASP D 121 42.65 1.81 13.63
N ILE D 122 42.23 0.69 14.22
CA ILE D 122 41.48 0.67 15.47
C ILE D 122 42.33 0.00 16.54
N ALA D 123 42.67 0.73 17.60
CA ALA D 123 43.50 0.13 18.65
C ALA D 123 42.64 -0.70 19.62
N ARG D 124 41.61 -0.07 20.21
CA ARG D 124 40.71 -0.75 21.13
C ARG D 124 39.30 -0.29 20.87
N LEU D 125 38.34 -1.16 21.20
CA LEU D 125 36.93 -0.97 20.85
C LEU D 125 36.05 -1.16 22.09
N VAL D 126 35.14 -0.21 22.32
CA VAL D 126 34.14 -0.31 23.38
C VAL D 126 32.76 -0.11 22.77
N TYR D 127 31.89 -1.12 22.91
CA TYR D 127 30.53 -1.09 22.39
C TYR D 127 29.51 -1.28 23.51
N MET D 128 28.49 -0.42 23.57
CA MET D 128 27.51 -0.53 24.65
C MET D 128 26.08 -0.35 24.15
N GLN D 129 25.19 -1.24 24.61
CA GLN D 129 23.73 -1.07 24.56
C GLN D 129 23.18 -0.87 23.14
N ALA D 130 23.42 -1.86 22.28
CA ALA D 130 22.63 -2.13 21.08
C ALA D 130 23.22 -3.33 20.35
N PRO D 131 22.40 -4.10 19.66
CA PRO D 131 22.96 -5.19 18.86
C PRO D 131 23.69 -4.62 17.65
N ILE D 132 24.79 -5.26 17.30
CA ILE D 132 25.26 -5.13 15.90
C ILE D 132 24.15 -5.62 14.98
N PRO D 133 23.80 -4.88 13.93
CA PRO D 133 22.71 -5.32 13.04
C PRO D 133 23.03 -6.66 12.42
N ASP D 134 22.24 -7.67 12.78
CA ASP D 134 22.34 -9.01 12.21
C ASP D 134 21.02 -9.72 12.48
N ALA D 135 20.96 -10.99 12.11
CA ALA D 135 19.71 -11.76 12.18
C ALA D 135 19.16 -11.85 13.59
N ARG D 136 19.99 -11.65 14.62
CA ARG D 136 19.52 -11.74 15.99
C ARG D 136 18.42 -10.72 16.29
N ILE D 137 18.43 -9.56 15.63
CA ILE D 137 17.43 -8.54 15.94
C ILE D 137 16.02 -9.01 15.59
N TYR D 138 15.89 -9.97 14.66
CA TYR D 138 14.58 -10.50 14.28
C TYR D 138 13.98 -11.42 15.35
N ARG D 139 14.68 -11.68 16.45
CA ARG D 139 14.19 -12.55 17.50
C ARG D 139 13.57 -11.79 18.66
N PHE D 140 13.78 -10.49 18.75
CA PHE D 140 13.22 -9.72 19.85
C PHE D 140 11.70 -9.68 19.75
N PRO D 141 11.00 -9.76 20.88
CA PRO D 141 9.52 -9.79 20.84
C PRO D 141 8.87 -8.43 20.63
N ALA D 142 7.73 -8.46 19.94
CA ALA D 142 6.88 -7.29 19.72
C ALA D 142 6.18 -6.81 20.99
N PHE D 143 5.99 -7.68 21.97
CA PHE D 143 5.12 -7.45 23.12
C PHE D 143 5.50 -8.42 24.22
N THR D 144 5.38 -7.98 25.48
CA THR D 144 5.78 -8.81 26.61
C THR D 144 4.63 -8.92 27.61
N ALA D 145 4.73 -9.92 28.47
CA ALA D 145 3.77 -10.10 29.55
C ALA D 145 3.76 -8.92 30.54
N GLN D 146 4.78 -8.04 30.52
CA GLN D 146 4.83 -6.87 31.37
C GLN D 146 4.46 -5.57 30.64
N GLY D 147 4.18 -5.62 29.35
CA GLY D 147 3.84 -4.42 28.61
C GLY D 147 4.69 -4.21 27.38
N GLU D 148 4.93 -2.95 27.01
CA GLU D 148 5.67 -2.66 25.79
C GLU D 148 7.06 -3.27 25.90
N SER D 149 7.56 -3.72 24.75
CA SER D 149 8.83 -4.43 24.69
C SER D 149 10.01 -3.49 24.43
N LEU D 150 11.20 -4.08 24.35
CA LEU D 150 12.43 -3.31 24.25
C LEU D 150 12.56 -2.60 22.91
N VAL D 151 12.24 -3.28 21.81
CA VAL D 151 12.62 -2.73 20.52
C VAL D 151 11.49 -2.70 19.52
N TRP D 152 10.24 -2.67 20.00
CA TRP D 152 9.13 -2.41 19.07
C TRP D 152 9.35 -1.11 18.32
N HIS D 153 10.14 -0.19 18.88
CA HIS D 153 10.44 1.07 18.18
C HIS D 153 11.18 0.86 16.87
N PHE D 154 11.89 -0.26 16.69
CA PHE D 154 12.53 -0.52 15.39
C PHE D 154 11.49 -0.44 14.27
N SER D 155 10.33 -1.09 14.47
CA SER D 155 9.30 -1.09 13.44
C SER D 155 8.64 0.28 13.32
N PHE D 156 8.33 0.93 14.45
CA PHE D 156 7.75 2.28 14.42
C PHE D 156 8.64 3.22 13.62
N PHE D 157 9.95 3.22 13.90
CA PHE D 157 10.85 4.15 13.25
C PHE D 157 11.11 3.79 11.79
N ALA D 158 11.09 2.49 11.46
CA ALA D 158 11.35 2.06 10.08
C ALA D 158 10.14 2.20 9.16
N ALA D 159 8.93 2.37 9.70
CA ALA D 159 7.72 2.44 8.90
C ALA D 159 7.81 3.58 7.88
N ASP D 160 7.20 3.37 6.72
CA ASP D 160 7.19 4.35 5.63
C ASP D 160 6.11 5.39 5.89
N ASP D 161 5.77 6.20 4.87
CA ASP D 161 4.81 7.29 4.98
C ASP D 161 5.28 8.37 5.97
N ARG D 162 6.58 8.40 6.31
CA ARG D 162 7.08 9.26 7.39
C ARG D 162 6.22 9.13 8.65
N LEU D 163 5.86 7.88 8.99
CA LEU D 163 4.94 7.66 10.10
C LEU D 163 5.45 8.30 11.38
N ALA D 164 6.69 8.01 11.75
CA ALA D 164 7.23 8.49 13.02
C ALA D 164 7.35 10.02 13.04
N GLU D 165 7.88 10.62 11.98
CA GLU D 165 7.98 12.08 11.95
C GLU D 165 6.61 12.72 12.10
N THR D 166 5.61 12.16 11.41
CA THR D 166 4.31 12.81 11.36
C THR D 166 3.62 12.75 12.71
N LEU D 167 3.70 11.62 13.39
CA LEU D 167 3.07 11.47 14.69
C LEU D 167 3.82 12.21 15.79
N ILE D 168 5.15 12.31 15.67
CA ILE D 168 5.93 12.91 16.75
C ILE D 168 6.07 14.42 16.61
N ALA D 169 6.01 14.95 15.38
CA ALA D 169 6.06 16.40 15.21
C ALA D 169 4.98 17.09 16.04
N GLY D 170 5.37 18.18 16.69
CA GLY D 170 4.53 18.83 17.67
C GLY D 170 4.54 18.19 19.05
N LYS D 171 5.11 16.99 19.18
CA LYS D 171 5.13 16.26 20.44
C LYS D 171 6.52 15.72 20.73
N GLU D 172 7.57 16.43 20.29
CA GLU D 172 8.91 15.86 20.32
C GLU D 172 9.41 15.68 21.75
N ARG D 173 9.18 16.66 22.61
CA ARG D 173 9.57 16.58 24.00
C ARG D 173 8.82 15.48 24.73
N PHE D 174 7.51 15.41 24.53
CA PHE D 174 6.72 14.34 25.12
C PHE D 174 7.22 12.96 24.70
N PHE D 175 7.44 12.77 23.40
CA PHE D 175 7.82 11.44 22.95
C PHE D 175 9.20 11.05 23.45
N LEU D 176 10.16 11.97 23.38
CA LEU D 176 11.51 11.64 23.81
C LEU D 176 11.55 11.31 25.30
N GLU D 177 10.78 12.04 26.12
CA GLU D 177 10.76 11.72 27.54
C GLU D 177 10.20 10.31 27.77
N HIS D 178 9.10 9.97 27.10
CA HIS D 178 8.59 8.61 27.23
C HIS D 178 9.61 7.60 26.74
N PHE D 179 10.25 7.87 25.62
CA PHE D 179 11.21 6.93 25.07
C PHE D 179 12.40 6.73 26.02
N ILE D 180 12.96 7.82 26.52
CA ILE D 180 14.10 7.69 27.42
C ILE D 180 13.71 6.95 28.70
N LYS D 181 12.61 7.38 29.33
CA LYS D 181 12.26 6.80 30.62
C LYS D 181 11.79 5.36 30.49
N SER D 182 11.15 5.00 29.37
CA SER D 182 10.71 3.62 29.20
C SER D 182 11.88 2.67 28.97
N HIS D 183 13.05 3.18 28.59
CA HIS D 183 14.23 2.35 28.44
C HIS D 183 15.25 2.61 29.56
N ALA D 184 14.83 3.27 30.63
CA ALA D 184 15.72 3.60 31.72
C ALA D 184 15.39 2.77 32.96
N SER D 185 16.41 2.53 33.79
CA SER D 185 16.19 2.08 35.15
C SER D 185 16.12 3.27 36.10
N ASN D 186 17.08 4.18 35.98
N ASN D 186 17.08 4.18 36.02
CA ASN D 186 17.19 5.39 36.80
CA ASN D 186 17.09 5.34 36.91
C ASN D 186 16.62 6.55 36.01
C ASN D 186 16.63 6.56 36.12
N THR D 187 15.35 6.87 36.22
CA THR D 187 14.78 8.01 35.51
C THR D 187 15.18 9.35 36.12
N GLU D 188 15.59 9.35 37.40
CA GLU D 188 15.87 10.58 38.10
C GLU D 188 17.10 11.30 37.55
N VAL D 189 17.98 10.61 36.81
CA VAL D 189 19.17 11.28 36.31
C VAL D 189 18.82 12.23 35.17
N PHE D 190 17.64 12.10 34.57
CA PHE D 190 17.21 12.94 33.44
C PHE D 190 16.40 14.10 33.98
N SER D 191 17.08 15.23 34.19
CA SER D 191 16.38 16.44 34.60
C SER D 191 15.45 16.93 33.50
N GLU D 192 14.51 17.79 33.87
CA GLU D 192 13.65 18.40 32.86
C GLU D 192 14.46 19.29 31.92
N ARG D 193 15.54 19.89 32.41
CA ARG D 193 16.39 20.69 31.55
C ARG D 193 17.14 19.83 30.53
N LEU D 194 17.68 18.68 30.97
CA LEU D 194 18.41 17.82 30.05
C LEU D 194 17.47 17.30 28.97
N LEU D 195 16.24 16.96 29.34
CA LEU D 195 15.27 16.49 28.35
C LEU D 195 14.92 17.60 27.36
N ASP D 196 14.82 18.83 27.84
CA ASP D 196 14.58 19.98 26.97
C ASP D 196 15.68 20.12 25.92
N LEU D 197 16.94 19.96 26.34
CA LEU D 197 18.05 20.14 25.41
C LEU D 197 18.06 19.06 24.33
N TYR D 198 17.87 17.80 24.72
CA TYR D 198 17.83 16.74 23.71
C TYR D 198 16.62 16.89 22.80
N ALA D 199 15.46 17.23 23.36
CA ALA D 199 14.26 17.37 22.54
C ALA D 199 14.40 18.53 21.55
N ARG D 200 14.94 19.66 21.99
CA ARG D 200 15.08 20.78 21.06
C ARG D 200 16.01 20.42 19.91
N SER D 201 17.01 19.57 20.16
CA SER D 201 17.95 19.23 19.10
C SER D 201 17.32 18.28 18.08
N TYR D 202 16.73 17.18 18.53
CA TYR D 202 16.24 16.26 17.52
C TYR D 202 14.91 16.70 16.92
N ALA D 203 14.30 17.76 17.46
CA ALA D 203 13.07 18.29 16.89
C ALA D 203 13.30 19.09 15.62
N LYS D 204 14.54 19.53 15.35
CA LYS D 204 14.84 20.15 14.07
C LYS D 204 14.34 19.23 12.96
N PRO D 205 13.57 19.74 11.99
CA PRO D 205 12.94 18.85 11.00
C PRO D 205 13.92 17.89 10.32
N HIS D 206 15.07 18.37 9.87
CA HIS D 206 15.99 17.43 9.23
C HIS D 206 16.57 16.45 10.24
N SER D 207 16.67 16.84 11.51
CA SER D 207 17.18 15.92 12.53
C SER D 207 16.13 14.90 12.95
N LEU D 208 14.86 15.30 13.02
CA LEU D 208 13.81 14.33 13.30
C LEU D 208 13.77 13.27 12.21
N ASN D 209 13.84 13.69 10.95
CA ASN D 209 13.87 12.74 9.85
C ASN D 209 15.14 11.90 9.86
N ALA D 210 16.30 12.53 10.07
CA ALA D 210 17.54 11.75 10.06
C ALA D 210 17.49 10.64 11.09
N SER D 211 16.95 10.93 12.28
CA SER D 211 16.87 9.94 13.36
C SER D 211 16.26 8.64 12.86
N PHE D 212 15.16 8.74 12.14
CA PHE D 212 14.42 7.55 11.73
C PHE D 212 14.98 6.92 10.46
N GLU D 213 15.69 7.70 9.64
CA GLU D 213 16.33 7.13 8.46
C GLU D 213 17.37 6.08 8.84
N TYR D 214 18.03 6.23 10.00
CA TYR D 214 18.93 5.16 10.45
C TYR D 214 18.18 3.85 10.62
N TYR D 215 16.93 3.91 11.06
CA TYR D 215 16.14 2.70 11.21
C TYR D 215 15.55 2.25 9.88
N ARG D 216 15.23 3.18 9.00
CA ARG D 216 14.76 2.79 7.67
C ARG D 216 15.84 2.09 6.87
N ALA D 217 17.11 2.26 7.24
CA ALA D 217 18.21 1.54 6.61
C ALA D 217 18.66 0.31 7.37
N LEU D 218 17.97 -0.07 8.46
CA LEU D 218 18.47 -1.14 9.34
C LEU D 218 18.57 -2.48 8.62
N ASN D 219 17.53 -2.85 7.86
CA ASN D 219 17.60 -4.11 7.13
C ASN D 219 18.72 -4.09 6.09
N GLU D 220 18.98 -2.94 5.47
CA GLU D 220 20.13 -2.87 4.57
C GLU D 220 21.42 -3.09 5.33
N SER D 221 21.55 -2.48 6.52
CA SER D 221 22.76 -2.68 7.31
C SER D 221 22.91 -4.14 7.74
N VAL D 222 21.81 -4.80 8.09
CA VAL D 222 21.85 -6.24 8.40
C VAL D 222 22.41 -7.02 7.22
N ARG D 223 21.96 -6.70 6.00
CA ARG D 223 22.44 -7.44 4.83
C ARG D 223 23.90 -7.12 4.56
N GLN D 224 24.31 -5.86 4.73
CA GLN D 224 25.71 -5.49 4.60
C GLN D 224 26.57 -6.26 5.59
N ASN D 225 26.10 -6.36 6.84
CA ASN D 225 26.91 -6.98 7.88
C ASN D 225 27.04 -8.48 7.69
N ALA D 226 26.05 -9.12 7.06
CA ALA D 226 26.15 -10.55 6.78
C ALA D 226 27.39 -10.87 5.96
N GLU D 227 27.80 -9.95 5.08
CA GLU D 227 29.03 -10.17 4.32
C GLU D 227 30.26 -9.72 5.10
N LEU D 228 30.15 -8.58 5.79
CA LEU D 228 31.31 -8.06 6.53
C LEU D 228 31.75 -9.01 7.65
N ALA D 229 30.80 -9.69 8.29
CA ALA D 229 31.07 -10.49 9.48
C ALA D 229 31.87 -11.75 9.20
N LYS D 230 32.17 -12.04 7.94
CA LYS D 230 33.05 -13.16 7.62
C LYS D 230 34.48 -12.93 8.13
N THR D 231 34.84 -11.69 8.42
CA THR D 231 36.11 -11.33 9.04
C THR D 231 35.86 -10.99 10.50
N ARG D 232 36.38 -11.80 11.43
CA ARG D 232 36.21 -11.49 12.83
C ARG D 232 37.10 -10.31 13.24
N LEU D 233 36.68 -9.62 14.29
CA LEU D 233 37.46 -8.51 14.85
C LEU D 233 38.60 -9.04 15.70
N GLN D 234 39.79 -8.46 15.53
CA GLN D 234 40.99 -8.93 16.19
C GLN D 234 41.51 -8.00 17.29
N MET D 235 41.03 -6.76 17.37
CA MET D 235 41.54 -5.85 18.40
C MET D 235 40.88 -6.13 19.76
N PRO D 236 41.49 -5.67 20.85
CA PRO D 236 40.85 -5.80 22.16
C PRO D 236 39.51 -5.05 22.19
N THR D 237 38.49 -5.73 22.71
N THR D 237 38.47 -5.73 22.68
CA THR D 237 37.12 -5.22 22.70
CA THR D 237 37.15 -5.14 22.71
C THR D 237 36.50 -5.37 24.08
C THR D 237 36.53 -5.34 24.09
N MET D 238 35.69 -4.39 24.49
CA MET D 238 34.91 -4.49 25.71
C MET D 238 33.47 -4.15 25.40
N THR D 239 32.54 -4.92 25.97
CA THR D 239 31.12 -4.58 25.91
C THR D 239 30.61 -4.15 27.27
N LEU D 240 29.66 -3.23 27.27
CA LEU D 240 28.94 -2.81 28.47
C LEU D 240 27.44 -2.86 28.19
N ALA D 241 26.68 -3.26 29.20
CA ALA D 241 25.23 -3.33 29.07
C ALA D 241 24.61 -3.09 30.44
N GLY D 242 23.41 -2.53 30.43
CA GLY D 242 22.65 -2.38 31.66
C GLY D 242 22.02 -3.70 32.07
N GLY D 243 21.98 -3.92 33.39
CA GLY D 243 21.34 -5.10 33.93
C GLY D 243 19.91 -4.85 34.35
N GLY D 244 19.50 -3.58 34.35
CA GLY D 244 18.18 -3.19 34.81
C GLY D 244 17.19 -3.04 33.65
N HIS D 245 16.04 -2.46 33.98
CA HIS D 245 15.01 -2.21 32.98
C HIS D 245 15.57 -1.37 31.85
N GLY D 246 15.38 -1.83 30.61
CA GLY D 246 15.92 -1.18 29.43
C GLY D 246 17.29 -1.67 29.01
N GLY D 247 17.97 -2.47 29.83
CA GLY D 247 19.30 -2.94 29.49
C GLY D 247 19.28 -4.17 28.63
N MET D 248 20.38 -4.36 27.88
CA MET D 248 20.53 -5.54 27.04
C MET D 248 20.96 -6.78 27.83
N GLY D 249 21.37 -6.62 29.08
CA GLY D 249 21.77 -7.78 29.87
C GLY D 249 22.91 -8.52 29.21
N THR D 250 22.85 -9.86 29.27
CA THR D 250 23.93 -10.69 28.75
C THR D 250 23.99 -10.70 27.22
N PHE D 251 22.98 -10.18 26.52
CA PHE D 251 22.96 -10.23 25.06
C PHE D 251 24.19 -9.57 24.46
N GLN D 252 24.59 -8.41 25.00
CA GLN D 252 25.66 -7.63 24.40
C GLN D 252 26.94 -8.44 24.27
N LEU D 253 27.39 -9.02 25.39
CA LEU D 253 28.62 -9.80 25.34
C LEU D 253 28.44 -11.08 24.52
N GLU D 254 27.28 -11.73 24.69
CA GLU D 254 27.09 -12.98 23.96
C GLU D 254 27.07 -12.76 22.46
N GLN D 255 26.45 -11.68 21.99
CA GLN D 255 26.54 -11.39 20.56
C GLN D 255 27.97 -11.04 20.16
N MET D 256 28.64 -10.19 20.95
CA MET D 256 29.97 -9.75 20.56
C MET D 256 30.95 -10.92 20.47
N LYS D 257 30.73 -11.97 21.26
CA LYS D 257 31.60 -13.13 21.21
C LYS D 257 31.62 -13.76 19.82
N ALA D 258 30.57 -13.57 19.03
CA ALA D 258 30.54 -14.09 17.66
C ALA D 258 31.30 -13.21 16.68
N TYR D 259 31.60 -11.96 17.03
CA TYR D 259 32.29 -11.06 16.11
C TYR D 259 33.75 -10.84 16.44
N ALA D 260 34.16 -11.06 17.69
CA ALA D 260 35.45 -10.61 18.18
C ALA D 260 36.15 -11.75 18.90
N GLU D 261 37.46 -11.86 18.68
CA GLU D 261 38.24 -12.91 19.32
C GLU D 261 38.61 -12.57 20.75
N ASP D 262 38.84 -11.29 21.05
CA ASP D 262 39.39 -10.85 22.34
C ASP D 262 38.40 -9.85 22.92
N VAL D 263 37.45 -10.36 23.71
CA VAL D 263 36.35 -9.53 24.19
C VAL D 263 36.11 -9.82 25.65
N GLU D 264 35.89 -8.75 26.42
CA GLU D 264 35.41 -8.83 27.79
C GLU D 264 34.13 -8.01 27.87
N GLY D 265 33.29 -8.34 28.82
CA GLY D 265 32.02 -7.64 28.95
C GLY D 265 31.67 -7.45 30.41
N HIS D 266 30.86 -6.43 30.66
CA HIS D 266 30.31 -6.17 31.98
C HIS D 266 28.84 -5.85 31.83
N VAL D 267 28.06 -6.34 32.79
CA VAL D 267 26.65 -5.98 32.95
C VAL D 267 26.55 -5.14 34.22
N LEU D 268 25.96 -3.97 34.10
CA LEU D 268 25.90 -3.02 35.21
C LEU D 268 24.55 -3.11 35.92
N PRO D 269 24.48 -3.69 37.12
CA PRO D 269 23.20 -3.74 37.84
C PRO D 269 22.70 -2.33 38.16
N GLY D 270 21.38 -2.17 38.11
CA GLY D 270 20.77 -0.90 38.42
C GLY D 270 20.80 0.13 37.31
N CYS D 271 21.22 -0.25 36.10
CA CYS D 271 21.30 0.64 34.96
C CYS D 271 20.49 0.07 33.81
N GLY D 272 19.85 0.96 33.06
CA GLY D 272 19.13 0.56 31.87
C GLY D 272 19.92 0.84 30.60
N HIS D 273 19.30 1.56 29.65
CA HIS D 273 19.90 1.75 28.34
C HIS D 273 20.90 2.90 28.30
N TRP D 274 20.66 3.95 29.08
CA TRP D 274 21.39 5.20 28.95
C TRP D 274 22.61 5.23 29.87
N LEU D 275 23.51 4.28 29.65
CA LEU D 275 24.66 4.09 30.53
C LEU D 275 25.43 5.38 30.83
N PRO D 276 25.80 6.22 29.85
CA PRO D 276 26.59 7.41 30.19
C PRO D 276 25.92 8.34 31.18
N GLU D 277 24.58 8.36 31.21
CA GLU D 277 23.83 9.19 32.14
C GLU D 277 23.35 8.43 33.37
N GLU D 278 22.81 7.23 33.19
CA GLU D 278 22.28 6.52 34.34
C GLU D 278 23.39 6.00 35.24
N CYS D 279 24.53 5.62 34.67
CA CYS D 279 25.60 5.01 35.45
C CYS D 279 26.94 5.60 35.02
N ALA D 280 27.01 6.93 35.10
CA ALA D 280 28.17 7.67 34.61
C ALA D 280 29.46 7.20 35.27
N ALA D 281 29.48 7.16 36.62
CA ALA D 281 30.74 6.88 37.31
C ALA D 281 31.28 5.50 37.02
N PRO D 282 30.53 4.40 37.17
CA PRO D 282 31.11 3.08 36.86
C PRO D 282 31.35 2.88 35.38
N MET D 283 30.46 3.38 34.50
CA MET D 283 30.74 3.31 33.07
C MET D 283 32.03 4.03 32.74
N ASN D 284 32.20 5.26 33.26
CA ASN D 284 33.42 6.02 32.99
C ASN D 284 34.64 5.26 33.46
N ARG D 285 34.57 4.67 34.66
CA ARG D 285 35.72 3.98 35.22
C ARG D 285 36.11 2.78 34.36
N LEU D 286 35.12 1.98 33.95
CA LEU D 286 35.41 0.81 33.13
C LEU D 286 36.02 1.20 31.78
N VAL D 287 35.48 2.25 31.16
CA VAL D 287 36.01 2.70 29.87
C VAL D 287 37.44 3.21 30.01
N ILE D 288 37.67 4.12 30.95
CA ILE D 288 39.01 4.69 31.14
C ILE D 288 40.04 3.60 31.38
N ASP D 289 39.70 2.66 32.28
CA ASP D 289 40.65 1.61 32.63
C ASP D 289 40.95 0.70 31.44
N PHE D 290 39.90 0.29 30.72
CA PHE D 290 40.11 -0.59 29.57
C PHE D 290 40.96 0.10 28.50
N LEU D 291 40.70 1.39 28.25
CA LEU D 291 41.48 2.10 27.24
C LEU D 291 42.89 2.42 27.73
N SER D 292 43.09 2.54 29.03
CA SER D 292 44.40 2.91 29.57
C SER D 292 45.34 1.72 29.74
N ARG D 293 44.86 0.50 29.61
CA ARG D 293 45.75 -0.65 29.68
C ARG D 293 46.78 -0.61 28.55
C4 FEH E . 4.95 -4.54 -15.53
C5 FEH E . 4.04 -5.05 -14.62
C6 FEH E . 3.68 -4.31 -13.50
C7 FEH E . 4.24 -3.05 -13.30
C8 FEH E . 5.15 -2.55 -14.21
C2 FEH E . 5.51 -3.29 -15.32
C1 FEH E . 6.52 -2.74 -16.33
O1 FEH E . 7.77 -3.36 -16.22
C3 FEH E . 5.99 -2.94 -17.75
C4 FEH F . 4.70 -4.77 -16.92
C5 FEH F . 3.96 -5.82 -16.38
C6 FEH F . 3.52 -5.76 -15.05
C7 FEH F . 3.83 -4.64 -14.27
C8 FEH F . 4.56 -3.58 -14.82
C2 FEH F . 5.00 -3.64 -16.15
C1 FEH F . 5.79 -2.52 -16.73
O1 FEH F . 4.92 -1.52 -17.12
C3 FEH F . 6.81 -2.00 -15.72
C4 FEH G . -18.26 2.24 -21.42
C5 FEH G . -17.45 1.82 -22.47
C6 FEH G . -16.74 2.76 -23.19
C7 FEH G . -16.84 4.11 -22.89
C8 FEH G . -17.65 4.52 -21.84
C2 FEH G . -18.35 3.58 -21.10
C1 FEH G . -19.25 4.03 -19.96
O1 FEH G . -20.60 4.03 -20.31
C3 FEH G . -19.02 3.09 -18.77
C4 FEH H . -17.65 3.07 -21.73
C5 FEH H . -17.23 2.48 -22.93
C6 FEH H . -17.36 1.09 -23.10
C7 FEH H . -17.89 0.31 -22.08
C8 FEH H . -18.32 0.90 -20.89
C2 FEH H . -18.20 2.27 -20.71
C1 FEH H . -18.63 2.91 -19.44
O1 FEH H . -17.52 3.07 -18.65
C3 FEH H . -19.28 4.27 -19.73
C4 FEH I . -4.17 -7.92 14.16
C5 FEH I . -3.17 -8.19 13.23
C6 FEH I . -2.85 -7.26 12.26
C7 FEH I . -3.53 -6.05 12.21
C8 FEH I . -4.53 -5.78 13.13
C2 FEH I . -4.84 -6.71 14.10
C1 FEH I . -5.96 -6.42 15.10
O1 FEH I . -7.10 -7.22 14.89
C3 FEH I . -5.42 -6.67 16.51
C4 FEH J . -3.99 -6.82 13.79
C5 FEH J . -3.20 -7.52 12.87
C6 FEH J . -2.69 -8.78 13.20
C7 FEH J . -2.96 -9.34 14.45
C8 FEH J . -3.75 -8.64 15.38
C2 FEH J . -4.25 -7.39 15.05
C1 FEH J . -5.09 -6.64 16.02
O1 FEH J . -4.33 -5.64 16.59
C3 FEH J . -6.30 -6.02 15.30
C4 FEH K . 18.24 0.04 21.42
C5 FEH K . 17.54 -0.73 22.32
C6 FEH K . 16.69 -0.12 23.24
C7 FEH K . 16.54 1.26 23.23
C8 FEH K . 17.24 2.03 22.33
C2 FEH K . 18.09 1.42 21.41
C1 FEH K . 18.87 2.26 20.41
O1 FEH K . 20.21 2.42 20.82
C3 FEH K . 18.84 1.54 19.07
C4 FEH L . 18.42 -0.93 20.47
C5 FEH L . 18.25 -1.92 21.44
C6 FEH L . 17.75 -1.59 22.70
C7 FEH L . 17.39 -0.26 22.98
C8 FEH L . 17.57 0.72 22.01
C2 FEH L . 18.07 0.40 20.76
C1 FEH L . 18.24 1.46 19.73
O1 FEH L . 17.00 1.72 19.17
C3 FEH L . 18.81 2.73 20.34
#